data_1LK3
#
_entry.id   1LK3
#
_cell.length_a   82.554
_cell.length_b   75.616
_cell.length_c   111.975
_cell.angle_alpha   90.00
_cell.angle_beta   96.85
_cell.angle_gamma   90.00
#
_symmetry.space_group_name_H-M   'P 1 21 1'
#
loop_
_entity.id
_entity.type
_entity.pdbx_description
1 polymer Interleukin-10
2 polymer '9D7 Light Chain'
3 polymer '9D7 Heavy Chain'
4 water water
#
loop_
_entity_poly.entity_id
_entity_poly.type
_entity_poly.pdbx_seq_one_letter_code
_entity_poly.pdbx_strand_id
1 'polypeptide(L)'
;MSENSCTHFPGNLPNMLRDLRDAFSRVKTFFQMKDQLDNLLLKESLLEDFKGYLGCQALSEMIQFYLEEVMPQAENQDPD
IKAHVNSLGENLKTLRLRLRRCHRFLPCENGGGSGGKSKAVEQVKNAFNKLQEKGIYKAMSEFDIFINYIEAYMTMKIRN
;
A,B
2 'polypeptide(L)'
;DTVLTQPPALTVSPGEKLTISCKASESVTSRMHWYQQKPGQQPKLLIYKASNLASGVPARFSGSGSGTDFTLTIDPVEAD
DTAIYFCQQSWNGPLTFGAGTKLELKRADAAPTVSIFPPSTEQLATGGASVVCLMNNFYPRDISVKWKIDGTERRDGVLD
SVTDQDSKDSTYSMSSTLSLTKADYESHNLYTCEVVHKTSSSPVVKSFNR
;
L,M
3 'polypeptide(L)'
;QVNLLQSGAALVKPGASVKLSCKASGYTFTDFYIHWVKQSHGKSLEWIGYINPNSGYTNYNEKFKNKATLTVDKSTSTGY
MELSRLTSEDSANYSCTRGVPGNNWFPYWGQGTLVTVSSAETTAPSVYPLAPGTALKSNSMVTLGCLVKGYFPEPVTVTW
NSGALSSGVHTFPAVLQSGLYTLTSSVTVPSSTWPSQTVTCNVAHPASSTKVDKKIVPR
;
H,I
#
# COMPACT_ATOMS: atom_id res chain seq x y z
N ASN A 15 -12.67 -6.89 -57.61
CA ASN A 15 -12.12 -7.08 -56.23
C ASN A 15 -12.74 -6.06 -55.28
N MET A 16 -12.72 -6.38 -53.98
CA MET A 16 -13.24 -5.47 -52.95
C MET A 16 -12.04 -4.69 -52.44
N LEU A 17 -10.91 -4.89 -53.10
CA LEU A 17 -9.68 -4.21 -52.74
C LEU A 17 -9.65 -2.83 -53.37
N ARG A 18 -10.46 -2.63 -54.42
CA ARG A 18 -10.49 -1.32 -55.08
C ARG A 18 -10.93 -0.27 -54.09
N ASP A 19 -11.91 -0.62 -53.26
CA ASP A 19 -12.43 0.30 -52.26
C ASP A 19 -11.34 0.67 -51.27
N LEU A 20 -10.56 -0.33 -50.89
CA LEU A 20 -9.47 -0.13 -49.94
C LEU A 20 -8.40 0.69 -50.62
N ARG A 21 -8.13 0.41 -51.88
CA ARG A 21 -7.10 1.16 -52.59
C ARG A 21 -7.54 2.60 -52.84
N ASP A 22 -8.85 2.80 -53.04
CA ASP A 22 -9.37 4.16 -53.25
C ASP A 22 -9.16 4.97 -51.97
N ALA A 23 -9.61 4.40 -50.85
CA ALA A 23 -9.49 5.03 -49.54
C ALA A 23 -8.04 5.36 -49.21
N PHE A 24 -7.11 4.47 -49.56
CA PHE A 24 -5.70 4.73 -49.29
C PHE A 24 -5.15 5.85 -50.18
N SER A 25 -5.62 5.95 -51.42
CA SER A 25 -5.11 6.99 -52.31
C SER A 25 -5.33 8.34 -51.62
N ARG A 26 -6.39 8.43 -50.84
CA ARG A 26 -6.72 9.67 -50.13
C ARG A 26 -5.78 10.04 -48.97
N VAL A 27 -4.95 9.13 -48.50
CA VAL A 27 -4.01 9.45 -47.42
C VAL A 27 -2.58 9.27 -47.85
N LYS A 28 -2.38 8.69 -49.02
CA LYS A 28 -1.03 8.43 -49.49
C LYS A 28 -0.10 9.62 -49.41
N THR A 29 -0.53 10.73 -49.99
CA THR A 29 0.28 11.93 -50.03
C THR A 29 0.72 12.42 -48.65
N PHE A 30 -0.23 12.44 -47.72
CA PHE A 30 0.07 12.89 -46.36
C PHE A 30 1.21 12.11 -45.70
N PHE A 31 1.14 10.78 -45.74
CA PHE A 31 2.16 9.97 -45.07
C PHE A 31 3.45 9.68 -45.86
N GLN A 32 3.42 9.95 -47.15
CA GLN A 32 4.61 9.72 -47.95
C GLN A 32 5.73 10.59 -47.41
N MET A 33 6.94 10.04 -47.31
CA MET A 33 8.10 10.77 -46.81
C MET A 33 9.24 10.77 -47.83
N LYS A 34 10.03 11.83 -47.83
CA LYS A 34 11.15 12.04 -48.76
C LYS A 34 12.38 11.15 -48.70
N ASP A 35 13.48 11.69 -49.24
CA ASP A 35 14.80 11.06 -49.35
C ASP A 35 15.27 10.24 -48.17
N GLN A 36 14.50 9.21 -47.85
CA GLN A 36 14.88 8.30 -46.79
C GLN A 36 15.46 7.15 -47.59
N LEU A 37 16.51 6.51 -47.07
CA LEU A 37 17.14 5.41 -47.78
C LEU A 37 16.20 4.21 -47.90
N ASP A 38 14.95 4.52 -48.25
CA ASP A 38 13.87 3.56 -48.45
C ASP A 38 13.90 2.24 -47.69
N ASN A 39 14.17 2.29 -46.39
CA ASN A 39 14.18 1.09 -45.58
C ASN A 39 12.75 0.57 -45.50
N LEU A 40 12.51 -0.55 -46.17
CA LEU A 40 11.19 -1.15 -46.22
C LEU A 40 10.80 -1.80 -44.89
N LEU A 41 9.61 -1.46 -44.39
CA LEU A 41 9.10 -2.05 -43.14
C LEU A 41 8.40 -3.37 -43.41
N LEU A 42 7.58 -3.40 -44.46
CA LEU A 42 6.86 -4.62 -44.83
C LEU A 42 7.73 -5.37 -45.85
N LYS A 43 8.63 -6.19 -45.33
CA LYS A 43 9.56 -6.94 -46.15
C LYS A 43 9.06 -8.23 -46.81
N GLU A 44 9.89 -8.75 -47.72
CA GLU A 44 9.62 -9.98 -48.45
C GLU A 44 9.29 -11.15 -47.50
N SER A 45 9.96 -11.20 -46.36
CA SER A 45 9.71 -12.23 -45.36
C SER A 45 8.25 -12.25 -44.93
N LEU A 46 7.66 -11.06 -44.81
CA LEU A 46 6.25 -10.96 -44.41
C LEU A 46 5.38 -11.58 -45.48
N LEU A 47 5.63 -11.20 -46.73
CA LEU A 47 4.85 -11.77 -47.81
C LEU A 47 5.10 -13.29 -47.80
N GLU A 48 6.34 -13.69 -47.55
CA GLU A 48 6.63 -15.12 -47.49
C GLU A 48 5.77 -15.78 -46.42
N ASP A 49 5.61 -15.11 -45.29
CA ASP A 49 4.80 -15.64 -44.20
C ASP A 49 3.35 -15.72 -44.61
N PHE A 50 2.87 -14.69 -45.32
CA PHE A 50 1.48 -14.65 -45.77
C PHE A 50 1.18 -15.84 -46.65
N LYS A 51 2.16 -16.23 -47.45
CA LYS A 51 1.97 -17.35 -48.38
C LYS A 51 2.25 -18.72 -47.79
N GLY A 52 2.78 -18.77 -46.57
CA GLY A 52 3.10 -20.05 -45.96
C GLY A 52 2.04 -20.71 -45.09
N TYR A 53 2.48 -21.77 -44.41
CA TYR A 53 1.63 -22.56 -43.53
C TYR A 53 0.81 -21.72 -42.56
N LEU A 54 1.46 -20.78 -41.87
CA LEU A 54 0.73 -19.92 -40.94
C LEU A 54 0.29 -18.59 -41.57
N GLY A 55 0.05 -18.60 -42.88
CA GLY A 55 -0.35 -17.40 -43.62
C GLY A 55 -1.58 -16.69 -43.10
N CYS A 56 -2.60 -17.49 -42.79
CA CYS A 56 -3.86 -17.00 -42.29
C CYS A 56 -3.66 -16.21 -41.01
N GLN A 57 -2.85 -16.76 -40.11
CA GLN A 57 -2.56 -16.13 -38.83
C GLN A 57 -1.73 -14.85 -38.98
N ALA A 58 -0.75 -14.87 -39.87
CA ALA A 58 0.08 -13.69 -40.10
C ALA A 58 -0.79 -12.54 -40.64
N LEU A 59 -1.70 -12.86 -41.56
CA LEU A 59 -2.57 -11.86 -42.15
C LEU A 59 -3.55 -11.33 -41.12
N SER A 60 -4.21 -12.22 -40.39
CA SER A 60 -5.15 -11.74 -39.39
C SER A 60 -4.39 -10.86 -38.36
N GLU A 61 -3.17 -11.24 -38.00
CA GLU A 61 -2.41 -10.43 -37.05
C GLU A 61 -2.05 -9.05 -37.62
N MET A 62 -1.68 -9.01 -38.90
CA MET A 62 -1.34 -7.74 -39.52
C MET A 62 -2.54 -6.82 -39.62
N ILE A 63 -3.71 -7.38 -39.92
CA ILE A 63 -4.91 -6.56 -40.01
C ILE A 63 -5.18 -5.99 -38.62
N GLN A 64 -5.09 -6.85 -37.60
CA GLN A 64 -5.31 -6.43 -36.22
C GLN A 64 -4.35 -5.28 -35.84
N PHE A 65 -3.08 -5.48 -36.15
CA PHE A 65 -2.03 -4.51 -35.88
C PHE A 65 -2.35 -3.17 -36.54
N TYR A 66 -2.78 -3.19 -37.80
CA TYR A 66 -3.09 -1.92 -38.47
C TYR A 66 -4.28 -1.24 -37.82
N LEU A 67 -5.34 -2.03 -37.61
CA LEU A 67 -6.56 -1.52 -37.01
C LEU A 67 -6.41 -1.03 -35.57
N GLU A 68 -5.69 -1.76 -34.73
CA GLU A 68 -5.59 -1.38 -33.34
C GLU A 68 -4.40 -0.55 -32.90
N GLU A 69 -3.25 -0.72 -33.55
CA GLU A 69 -2.05 0.01 -33.18
C GLU A 69 -1.63 1.10 -34.17
N VAL A 70 -1.68 0.83 -35.46
CA VAL A 70 -1.26 1.84 -36.43
C VAL A 70 -2.21 2.98 -36.72
N MET A 71 -3.42 2.62 -37.15
CA MET A 71 -4.37 3.62 -37.59
C MET A 71 -4.87 4.60 -36.56
N PRO A 72 -5.08 4.14 -35.31
CA PRO A 72 -5.55 5.10 -34.31
C PRO A 72 -4.45 6.13 -34.02
N GLN A 73 -3.20 5.73 -34.16
CA GLN A 73 -2.11 6.67 -33.93
C GLN A 73 -1.98 7.57 -35.16
N ALA A 74 -2.20 6.98 -36.34
CA ALA A 74 -2.12 7.74 -37.58
C ALA A 74 -3.17 8.87 -37.61
N GLU A 75 -4.35 8.58 -37.08
CA GLU A 75 -5.43 9.57 -37.03
C GLU A 75 -5.11 10.84 -36.24
N ASN A 76 -4.21 10.73 -35.27
CA ASN A 76 -3.85 11.85 -34.40
C ASN A 76 -2.65 12.67 -34.88
N GLN A 77 -2.19 12.42 -36.10
CA GLN A 77 -1.07 13.18 -36.62
C GLN A 77 -1.51 14.55 -37.12
N ASP A 78 -2.75 14.65 -37.58
CA ASP A 78 -3.29 15.90 -38.12
C ASP A 78 -4.81 15.78 -38.23
N PRO A 79 -5.55 16.76 -37.64
CA PRO A 79 -7.01 16.75 -37.66
C PRO A 79 -7.63 16.63 -39.04
N ASP A 80 -6.90 17.09 -40.05
CA ASP A 80 -7.40 17.03 -41.42
C ASP A 80 -7.26 15.66 -42.09
N ILE A 81 -6.39 14.80 -41.55
CA ILE A 81 -6.19 13.49 -42.15
C ILE A 81 -7.00 12.41 -41.40
N LYS A 82 -7.50 12.79 -40.23
CA LYS A 82 -8.24 11.88 -39.37
C LYS A 82 -9.43 11.13 -39.98
N ALA A 83 -10.34 11.87 -40.61
CA ALA A 83 -11.50 11.23 -41.19
C ALA A 83 -11.09 10.27 -42.31
N HIS A 84 -10.09 10.63 -43.10
CA HIS A 84 -9.66 9.77 -44.18
C HIS A 84 -8.96 8.52 -43.67
N VAL A 85 -8.25 8.65 -42.54
CA VAL A 85 -7.60 7.48 -41.96
C VAL A 85 -8.70 6.58 -41.43
N ASN A 86 -9.66 7.17 -40.73
CA ASN A 86 -10.77 6.40 -40.17
C ASN A 86 -11.56 5.71 -41.28
N SER A 87 -11.71 6.38 -42.42
CA SER A 87 -12.40 5.80 -43.57
C SER A 87 -11.66 4.55 -44.04
N LEU A 88 -10.33 4.66 -44.14
CA LEU A 88 -9.53 3.53 -44.57
C LEU A 88 -9.70 2.38 -43.60
N GLY A 89 -9.76 2.71 -42.31
CA GLY A 89 -9.93 1.71 -41.28
C GLY A 89 -11.24 0.96 -41.45
N GLU A 90 -12.32 1.70 -41.67
CA GLU A 90 -13.64 1.07 -41.86
C GLU A 90 -13.59 0.09 -43.02
N ASN A 91 -13.00 0.54 -44.12
CA ASN A 91 -12.84 -0.29 -45.30
C ASN A 91 -12.03 -1.55 -44.98
N LEU A 92 -11.01 -1.42 -44.15
CA LEU A 92 -10.21 -2.58 -43.78
C LEU A 92 -11.06 -3.55 -42.96
N LYS A 93 -11.83 -3.02 -42.01
CA LYS A 93 -12.69 -3.84 -41.17
C LYS A 93 -13.68 -4.60 -42.03
N THR A 94 -14.18 -3.93 -43.07
CA THR A 94 -15.13 -4.56 -43.97
C THR A 94 -14.45 -5.69 -44.71
N LEU A 95 -13.33 -5.39 -45.38
CA LEU A 95 -12.61 -6.43 -46.10
C LEU A 95 -12.45 -7.62 -45.17
N ARG A 96 -12.11 -7.35 -43.92
CA ARG A 96 -11.92 -8.41 -42.94
C ARG A 96 -13.17 -9.27 -42.85
N LEU A 97 -14.27 -8.69 -42.35
CA LEU A 97 -15.54 -9.40 -42.21
C LEU A 97 -15.87 -10.18 -43.47
N ARG A 98 -15.68 -9.55 -44.61
CA ARG A 98 -15.94 -10.17 -45.90
C ARG A 98 -15.38 -11.59 -45.88
N LEU A 99 -14.12 -11.73 -45.48
CA LEU A 99 -13.45 -13.03 -45.41
C LEU A 99 -13.69 -13.70 -44.07
N ARG A 100 -13.42 -12.95 -43.00
CA ARG A 100 -13.56 -13.42 -41.63
C ARG A 100 -14.88 -14.15 -41.36
N ARG A 101 -15.86 -13.96 -42.24
CA ARG A 101 -17.16 -14.61 -42.09
C ARG A 101 -17.67 -15.08 -43.46
N CYS A 102 -16.93 -15.97 -44.10
CA CYS A 102 -17.38 -16.47 -45.40
C CYS A 102 -16.62 -17.68 -45.94
N HIS A 103 -15.63 -17.42 -46.80
CA HIS A 103 -14.87 -18.52 -47.40
C HIS A 103 -13.66 -19.04 -46.65
N ARG A 104 -12.85 -19.80 -47.38
CA ARG A 104 -11.64 -20.43 -46.88
C ARG A 104 -10.47 -19.47 -46.75
N PHE A 105 -10.75 -18.18 -46.87
CA PHE A 105 -9.70 -17.18 -46.79
C PHE A 105 -9.18 -16.89 -45.38
N LEU A 106 -9.89 -17.37 -44.37
CA LEU A 106 -9.46 -17.17 -42.99
C LEU A 106 -9.77 -18.38 -42.10
N PRO A 107 -9.31 -19.57 -42.51
CA PRO A 107 -9.52 -20.83 -41.80
C PRO A 107 -9.01 -20.82 -40.36
N CYS A 108 -8.29 -19.78 -39.99
CA CYS A 108 -7.74 -19.67 -38.63
C CYS A 108 -8.58 -18.78 -37.73
N GLU A 109 -8.41 -18.95 -36.42
CA GLU A 109 -9.14 -18.18 -35.42
C GLU A 109 -8.26 -17.08 -34.82
N LYS A 117 3.09 -18.79 -34.17
CA LYS A 117 2.78 -17.39 -34.49
C LYS A 117 3.68 -16.94 -35.64
N SER A 118 3.64 -15.63 -35.95
CA SER A 118 4.45 -15.12 -37.05
C SER A 118 5.73 -14.41 -36.61
N LYS A 119 6.86 -14.94 -37.04
CA LYS A 119 8.15 -14.37 -36.71
C LYS A 119 8.28 -13.02 -37.44
N ALA A 120 7.84 -13.01 -38.70
CA ALA A 120 7.90 -11.82 -39.55
C ALA A 120 7.07 -10.69 -38.99
N VAL A 121 5.87 -11.02 -38.49
CA VAL A 121 4.99 -10.02 -37.92
C VAL A 121 5.61 -9.41 -36.66
N GLU A 122 6.20 -10.24 -35.83
CA GLU A 122 6.84 -9.78 -34.61
C GLU A 122 7.95 -8.81 -34.94
N GLN A 123 8.69 -9.14 -36.01
CA GLN A 123 9.79 -8.33 -36.49
C GLN A 123 9.26 -6.96 -36.95
N VAL A 124 8.09 -6.97 -37.58
CA VAL A 124 7.48 -5.74 -38.05
C VAL A 124 7.07 -4.88 -36.85
N LYS A 125 6.46 -5.49 -35.84
CA LYS A 125 6.06 -4.71 -34.67
C LYS A 125 7.27 -4.10 -33.97
N ASN A 126 8.33 -4.89 -33.80
CA ASN A 126 9.50 -4.37 -33.14
C ASN A 126 10.18 -3.25 -33.93
N ALA A 127 10.21 -3.39 -35.25
CA ALA A 127 10.83 -2.35 -36.09
C ALA A 127 9.97 -1.10 -36.01
N PHE A 128 8.65 -1.30 -36.03
CA PHE A 128 7.69 -0.20 -35.95
C PHE A 128 7.87 0.55 -34.63
N ASN A 129 7.94 -0.21 -33.54
CA ASN A 129 8.14 0.39 -32.23
C ASN A 129 9.40 1.24 -32.16
N LYS A 130 10.50 0.70 -32.70
CA LYS A 130 11.77 1.41 -32.68
C LYS A 130 11.71 2.70 -33.52
N LEU A 131 10.85 2.72 -34.54
CA LEU A 131 10.73 3.92 -35.39
C LEU A 131 9.85 4.98 -34.72
N GLN A 132 9.10 4.58 -33.70
CA GLN A 132 8.22 5.49 -32.98
C GLN A 132 7.29 6.30 -33.92
N GLU A 133 7.23 7.62 -33.81
CA GLU A 133 6.29 8.34 -34.68
C GLU A 133 6.63 8.28 -36.19
N LYS A 134 7.92 8.23 -36.51
CA LYS A 134 8.32 8.10 -37.91
C LYS A 134 7.76 6.74 -38.38
N GLY A 135 7.61 5.81 -37.43
CA GLY A 135 7.07 4.48 -37.69
C GLY A 135 5.60 4.51 -38.11
N ILE A 136 4.83 5.42 -37.52
CA ILE A 136 3.42 5.57 -37.87
C ILE A 136 3.33 6.01 -39.35
N TYR A 137 4.17 6.96 -39.73
CA TYR A 137 4.16 7.44 -41.12
C TYR A 137 4.66 6.38 -42.06
N LYS A 138 5.68 5.64 -41.65
CA LYS A 138 6.22 4.61 -42.52
C LYS A 138 5.20 3.48 -42.74
N ALA A 139 4.53 3.05 -41.67
CA ALA A 139 3.54 1.97 -41.80
C ALA A 139 2.36 2.41 -42.64
N MET A 140 1.92 3.64 -42.47
CA MET A 140 0.81 4.11 -43.27
C MET A 140 1.22 4.24 -44.75
N SER A 141 2.41 4.74 -45.05
CA SER A 141 2.78 4.91 -46.46
C SER A 141 3.00 3.61 -47.20
N GLU A 142 3.24 2.53 -46.45
CA GLU A 142 3.44 1.21 -47.04
C GLU A 142 2.16 0.41 -47.04
N PHE A 143 1.04 1.07 -46.77
CA PHE A 143 -0.22 0.36 -46.76
C PHE A 143 -0.56 -0.17 -48.15
N ASP A 144 -0.09 0.50 -49.20
CA ASP A 144 -0.35 -0.01 -50.55
C ASP A 144 0.39 -1.35 -50.70
N ILE A 145 1.58 -1.44 -50.13
CA ILE A 145 2.33 -2.70 -50.18
C ILE A 145 1.52 -3.73 -49.41
N PHE A 146 0.90 -3.31 -48.30
CA PHE A 146 0.09 -4.20 -47.48
C PHE A 146 -1.07 -4.81 -48.28
N ILE A 147 -1.81 -3.96 -48.99
CA ILE A 147 -2.92 -4.44 -49.80
C ILE A 147 -2.40 -5.40 -50.87
N ASN A 148 -1.21 -5.10 -51.42
CA ASN A 148 -0.61 -5.96 -52.42
C ASN A 148 -0.32 -7.33 -51.83
N TYR A 149 0.18 -7.37 -50.60
CA TYR A 149 0.47 -8.65 -49.95
C TYR A 149 -0.85 -9.35 -49.67
N ILE A 150 -1.88 -8.59 -49.32
CA ILE A 150 -3.18 -9.21 -49.06
C ILE A 150 -3.68 -9.82 -50.36
N GLU A 151 -3.54 -9.06 -51.44
CA GLU A 151 -3.97 -9.51 -52.76
C GLU A 151 -3.19 -10.76 -53.13
N ALA A 152 -1.87 -10.73 -52.88
CA ALA A 152 -1.01 -11.88 -53.17
C ALA A 152 -1.53 -13.09 -52.39
N TYR A 153 -1.96 -12.85 -51.15
CA TYR A 153 -2.48 -13.92 -50.29
C TYR A 153 -3.70 -14.57 -50.94
N MET A 154 -4.70 -13.75 -51.24
CA MET A 154 -5.94 -14.23 -51.83
C MET A 154 -5.80 -14.83 -53.22
N THR A 155 -4.90 -14.26 -54.02
CA THR A 155 -4.65 -14.74 -55.38
C THR A 155 -4.00 -16.12 -55.30
N MET A 156 -3.94 -16.66 -54.08
CA MET A 156 -3.35 -17.94 -53.82
C MET A 156 -4.34 -18.85 -53.10
N LYS A 157 -5.60 -18.76 -53.49
CA LYS A 157 -6.67 -19.55 -52.89
C LYS A 157 -7.93 -19.50 -53.76
N ASP B 1 20.10 5.83 -30.57
CA ASP B 1 18.95 6.61 -30.03
C ASP B 1 19.27 8.08 -30.27
N THR B 2 18.23 8.91 -30.31
CA THR B 2 18.43 10.33 -30.52
C THR B 2 18.93 10.97 -29.21
N VAL B 3 20.08 11.64 -29.27
CA VAL B 3 20.62 12.32 -28.12
C VAL B 3 20.23 13.80 -28.24
N LEU B 4 19.74 14.37 -27.16
CA LEU B 4 19.33 15.78 -27.18
C LEU B 4 20.32 16.54 -26.33
N THR B 5 20.87 17.62 -26.87
CA THR B 5 21.85 18.40 -26.13
C THR B 5 21.35 19.79 -25.76
N GLN B 6 21.21 20.05 -24.46
CA GLN B 6 20.78 21.36 -24.02
C GLN B 6 21.76 21.85 -22.97
N PRO B 7 21.96 23.17 -22.88
CA PRO B 7 22.90 23.70 -21.89
C PRO B 7 22.49 23.32 -20.47
N PRO B 8 23.47 22.96 -19.64
CA PRO B 8 23.22 22.56 -18.25
C PRO B 8 22.66 23.67 -17.36
N ALA B 9 23.05 24.91 -17.62
CA ALA B 9 22.59 26.01 -16.79
C ALA B 9 22.63 27.39 -17.45
N LEU B 10 21.65 28.22 -17.14
CA LEU B 10 21.59 29.58 -17.68
C LEU B 10 21.09 30.51 -16.60
N THR B 11 21.57 31.76 -16.65
CA THR B 11 21.20 32.77 -15.68
C THR B 11 20.67 33.95 -16.48
N VAL B 12 19.59 34.58 -16.01
CA VAL B 12 18.98 35.71 -16.69
C VAL B 12 18.22 36.50 -15.63
N SER B 13 17.96 37.78 -15.90
CA SER B 13 17.21 38.63 -14.97
C SER B 13 15.74 38.73 -15.34
N PRO B 14 14.88 39.04 -14.35
CA PRO B 14 13.44 39.17 -14.58
C PRO B 14 13.23 40.29 -15.59
N GLY B 15 12.28 40.09 -16.50
CA GLY B 15 12.00 41.09 -17.50
C GLY B 15 12.74 40.90 -18.80
N GLU B 16 13.82 40.12 -18.80
CA GLU B 16 14.60 39.91 -20.02
C GLU B 16 14.07 38.73 -20.85
N LYS B 17 14.65 38.53 -22.02
CA LYS B 17 14.30 37.46 -22.94
C LYS B 17 15.29 36.31 -22.78
N LEU B 18 14.75 35.13 -22.53
CA LEU B 18 15.60 33.96 -22.34
C LEU B 18 15.32 32.93 -23.42
N THR B 19 16.39 32.37 -24.00
CA THR B 19 16.23 31.31 -25.02
C THR B 19 17.08 30.10 -24.63
N ILE B 20 16.51 28.92 -24.75
CA ILE B 20 17.20 27.68 -24.41
C ILE B 20 17.29 26.86 -25.67
N SER B 21 18.48 26.44 -26.03
CA SER B 21 18.60 25.65 -27.24
C SER B 21 18.60 24.17 -26.89
N CYS B 22 18.15 23.37 -27.85
CA CYS B 22 18.14 21.93 -27.71
C CYS B 22 18.48 21.43 -29.10
N LYS B 23 19.52 20.61 -29.17
CA LYS B 23 19.97 20.10 -30.46
C LYS B 23 19.91 18.57 -30.45
N ALA B 24 19.30 18.00 -31.48
CA ALA B 24 19.18 16.54 -31.56
C ALA B 24 20.28 15.98 -32.46
N SER B 25 20.75 14.77 -32.14
CA SER B 25 21.81 14.11 -32.90
C SER B 25 21.35 13.68 -34.30
N GLU B 26 20.04 13.67 -34.52
CA GLU B 26 19.47 13.33 -35.83
C GLU B 26 18.14 14.04 -35.90
N SER B 27 17.61 14.22 -37.10
CA SER B 27 16.35 14.92 -37.26
C SER B 27 15.20 14.28 -36.49
N VAL B 28 14.32 15.12 -35.93
CA VAL B 28 13.11 14.64 -35.25
C VAL B 28 11.94 15.40 -35.89
N THR B 29 12.20 15.91 -37.09
CA THR B 29 11.25 16.75 -37.84
C THR B 29 10.67 17.82 -36.92
N SER B 30 9.37 17.79 -36.62
CA SER B 30 8.78 18.83 -35.75
C SER B 30 8.49 18.32 -34.34
N ARG B 31 8.83 17.06 -34.09
CA ARG B 31 8.51 16.43 -32.81
C ARG B 31 9.45 16.66 -31.64
N MET B 32 9.58 17.94 -31.25
CA MET B 32 10.37 18.31 -30.09
C MET B 32 9.40 19.00 -29.15
N HIS B 33 9.44 18.57 -27.89
CA HIS B 33 8.56 19.12 -26.87
C HIS B 33 9.38 19.61 -25.67
N TRP B 34 8.79 20.52 -24.89
CA TRP B 34 9.42 21.13 -23.73
C TRP B 34 8.58 21.03 -22.46
N TYR B 35 9.27 20.80 -21.34
CA TYR B 35 8.67 20.71 -20.02
C TYR B 35 9.38 21.62 -19.04
N GLN B 36 8.61 22.08 -18.06
CA GLN B 36 9.14 22.88 -16.98
C GLN B 36 8.97 22.04 -15.71
N GLN B 37 10.02 21.85 -14.92
CA GLN B 37 9.82 21.11 -13.68
C GLN B 37 10.33 21.97 -12.52
N LYS B 38 9.42 22.39 -11.67
CA LYS B 38 9.80 23.20 -10.54
C LYS B 38 10.12 22.24 -9.41
N PRO B 39 10.91 22.69 -8.44
CA PRO B 39 11.28 21.84 -7.31
C PRO B 39 10.08 21.31 -6.54
N GLY B 40 10.11 20.01 -6.30
CA GLY B 40 9.02 19.36 -5.59
C GLY B 40 7.85 19.00 -6.49
N GLN B 41 7.89 19.39 -7.76
CA GLN B 41 6.78 19.11 -8.65
C GLN B 41 7.08 18.16 -9.80
N GLN B 42 6.02 17.61 -10.40
CA GLN B 42 6.18 16.73 -11.56
C GLN B 42 6.34 17.69 -12.74
N PRO B 43 6.95 17.22 -13.86
CA PRO B 43 7.14 18.07 -15.05
C PRO B 43 5.80 18.54 -15.61
N LYS B 44 5.80 19.74 -16.19
CA LYS B 44 4.63 20.35 -16.81
C LYS B 44 4.98 20.66 -18.28
N LEU B 45 4.12 20.22 -19.19
CA LEU B 45 4.30 20.44 -20.63
C LEU B 45 4.13 21.93 -20.94
N LEU B 46 5.06 22.50 -21.68
CA LEU B 46 4.97 23.92 -22.03
C LEU B 46 4.66 24.10 -23.50
N ILE B 47 5.47 23.44 -24.30
CA ILE B 47 5.41 23.52 -25.76
C ILE B 47 5.41 22.12 -26.36
N TYR B 48 4.54 21.88 -27.35
CA TYR B 48 4.54 20.59 -28.05
C TYR B 48 4.67 20.81 -29.55
N LYS B 49 5.30 19.84 -30.21
CA LYS B 49 5.57 19.88 -31.64
C LYS B 49 6.25 21.20 -32.03
N ALA B 50 7.37 21.45 -31.36
CA ALA B 50 8.24 22.62 -31.54
C ALA B 50 7.72 24.00 -31.24
N SER B 51 6.48 24.32 -31.62
CA SER B 51 5.98 25.68 -31.42
C SER B 51 4.56 25.87 -30.91
N ASN B 52 3.89 24.81 -30.48
CA ASN B 52 2.52 24.95 -30.01
C ASN B 52 2.49 25.10 -28.52
N LEU B 53 1.74 26.09 -28.06
CA LEU B 53 1.61 26.36 -26.64
C LEU B 53 0.60 25.43 -26.00
N ALA B 54 1.01 24.73 -24.95
CA ALA B 54 0.13 23.83 -24.24
C ALA B 54 -0.95 24.64 -23.53
N SER B 55 -2.18 24.12 -23.48
CA SER B 55 -3.25 24.87 -22.82
C SER B 55 -2.92 25.15 -21.36
N GLY B 56 -3.28 26.35 -20.90
CA GLY B 56 -2.99 26.71 -19.53
C GLY B 56 -1.62 27.35 -19.34
N VAL B 57 -0.78 27.30 -20.37
CA VAL B 57 0.56 27.87 -20.27
C VAL B 57 0.56 29.32 -20.75
N PRO B 58 1.20 30.22 -19.98
CA PRO B 58 1.20 31.62 -20.42
C PRO B 58 1.90 31.89 -21.74
N ALA B 59 1.38 32.89 -22.46
CA ALA B 59 1.88 33.28 -23.77
C ALA B 59 3.34 33.80 -23.78
N ARG B 60 3.90 34.06 -22.60
CA ARG B 60 5.29 34.47 -22.50
C ARG B 60 6.19 33.34 -22.99
N PHE B 61 5.66 32.12 -23.02
CA PHE B 61 6.42 30.95 -23.47
C PHE B 61 6.14 30.68 -24.94
N SER B 62 7.19 30.43 -25.71
CA SER B 62 7.05 30.10 -27.14
C SER B 62 8.22 29.20 -27.54
N GLY B 63 8.09 28.52 -28.68
CA GLY B 63 9.16 27.66 -29.15
C GLY B 63 9.26 27.71 -30.67
N SER B 64 10.42 27.34 -31.20
CA SER B 64 10.58 27.35 -32.66
C SER B 64 11.62 26.32 -33.06
N GLY B 65 11.70 26.02 -34.36
CA GLY B 65 12.67 25.06 -34.83
C GLY B 65 12.05 23.84 -35.48
N SER B 66 12.88 23.06 -36.18
CA SER B 66 12.48 21.84 -36.86
C SER B 66 13.78 21.10 -37.19
N GLY B 67 13.69 19.80 -37.49
CA GLY B 67 14.90 19.06 -37.81
C GLY B 67 15.76 18.70 -36.61
N THR B 68 16.87 19.42 -36.42
CA THR B 68 17.79 19.16 -35.30
C THR B 68 17.96 20.35 -34.35
N ASP B 69 17.55 21.54 -34.76
CA ASP B 69 17.74 22.69 -33.92
C ASP B 69 16.45 23.34 -33.46
N PHE B 70 16.30 23.44 -32.16
CA PHE B 70 15.12 24.00 -31.53
C PHE B 70 15.44 24.99 -30.44
N THR B 71 14.46 25.83 -30.10
CA THR B 71 14.67 26.84 -29.08
C THR B 71 13.40 27.08 -28.29
N LEU B 72 13.53 27.22 -26.98
CA LEU B 72 12.39 27.50 -26.13
C LEU B 72 12.66 28.96 -25.78
N THR B 73 11.65 29.81 -25.88
CA THR B 73 11.84 31.21 -25.50
C THR B 73 10.85 31.63 -24.44
N ILE B 74 11.36 32.32 -23.41
CA ILE B 74 10.53 32.85 -22.34
C ILE B 74 10.76 34.36 -22.41
N ASP B 75 9.73 35.11 -22.77
CA ASP B 75 9.88 36.56 -22.94
C ASP B 75 8.62 37.33 -22.58
N PRO B 76 8.65 38.07 -21.46
CA PRO B 76 9.77 38.24 -20.55
C PRO B 76 9.81 37.11 -19.51
N VAL B 77 11.00 36.80 -19.01
CA VAL B 77 11.13 35.80 -17.97
C VAL B 77 10.83 36.52 -16.64
N GLU B 78 10.45 35.77 -15.60
CA GLU B 78 10.13 36.34 -14.30
C GLU B 78 10.69 35.45 -13.18
N ALA B 79 10.73 35.96 -11.95
CA ALA B 79 11.31 35.21 -10.82
C ALA B 79 10.78 33.79 -10.61
N ASP B 80 9.48 33.56 -10.71
CA ASP B 80 9.04 32.18 -10.48
C ASP B 80 9.21 31.20 -11.64
N ASP B 81 9.98 31.61 -12.64
CA ASP B 81 10.30 30.72 -13.75
C ASP B 81 11.54 29.92 -13.37
N THR B 82 12.12 30.15 -12.19
CA THR B 82 13.31 29.37 -11.83
C THR B 82 12.87 27.92 -11.77
N ALA B 83 13.57 27.05 -12.52
CA ALA B 83 13.19 25.65 -12.58
C ALA B 83 14.16 24.94 -13.52
N ILE B 84 13.90 23.68 -13.81
CA ILE B 84 14.72 22.98 -14.77
C ILE B 84 13.82 22.76 -15.99
N TYR B 85 14.34 23.03 -17.18
CA TYR B 85 13.56 22.89 -18.42
C TYR B 85 14.12 21.72 -19.21
N PHE B 86 13.23 20.86 -19.67
CA PHE B 86 13.67 19.69 -20.46
C PHE B 86 13.10 19.69 -21.87
N CYS B 87 13.91 19.30 -22.85
CA CYS B 87 13.41 19.11 -24.19
C CYS B 87 13.26 17.59 -24.29
N GLN B 88 12.36 17.14 -25.16
CA GLN B 88 12.05 15.72 -25.38
C GLN B 88 11.60 15.50 -26.82
N GLN B 89 12.07 14.42 -27.44
CA GLN B 89 11.66 14.15 -28.82
C GLN B 89 10.80 12.88 -28.89
N SER B 90 9.91 12.81 -29.89
CA SER B 90 9.05 11.64 -30.07
C SER B 90 9.07 11.05 -31.49
N TRP B 91 9.92 11.59 -32.35
CA TRP B 91 9.99 11.12 -33.74
C TRP B 91 10.66 9.75 -33.87
N ASN B 92 11.67 9.50 -33.03
CA ASN B 92 12.44 8.26 -33.05
C ASN B 92 12.34 7.51 -31.72
N GLY B 93 12.46 6.19 -31.78
CA GLY B 93 12.39 5.38 -30.56
C GLY B 93 13.78 5.04 -30.04
N PRO B 94 13.97 5.02 -28.71
CA PRO B 94 12.93 5.34 -27.71
C PRO B 94 12.73 6.83 -27.61
N LEU B 95 11.65 7.24 -26.95
CA LEU B 95 11.46 8.66 -26.67
C LEU B 95 12.66 9.00 -25.78
N THR B 96 13.26 10.17 -25.97
CA THR B 96 14.38 10.58 -25.17
C THR B 96 14.24 12.05 -24.76
N PHE B 97 14.90 12.38 -23.66
CA PHE B 97 14.89 13.73 -23.09
C PHE B 97 16.29 14.32 -23.05
N GLY B 98 16.37 15.65 -23.06
CA GLY B 98 17.66 16.31 -22.93
C GLY B 98 18.01 16.15 -21.45
N ALA B 99 19.22 16.54 -21.05
CA ALA B 99 19.62 16.42 -19.65
C ALA B 99 19.01 17.48 -18.72
N GLY B 100 18.34 18.47 -19.29
CA GLY B 100 17.75 19.51 -18.48
C GLY B 100 18.60 20.75 -18.42
N THR B 101 17.94 21.91 -18.40
CA THR B 101 18.63 23.18 -18.30
C THR B 101 18.11 23.84 -17.03
N LYS B 102 18.96 24.03 -16.05
CA LYS B 102 18.54 24.69 -14.82
C LYS B 102 18.54 26.22 -15.05
N LEU B 103 17.41 26.87 -14.76
CA LEU B 103 17.30 28.30 -14.99
C LEU B 103 17.41 29.10 -13.69
N GLU B 104 18.42 29.97 -13.64
CA GLU B 104 18.64 30.80 -12.47
C GLU B 104 18.24 32.22 -12.77
N LEU B 105 17.55 32.85 -11.82
CA LEU B 105 17.10 34.23 -11.99
C LEU B 105 18.04 35.14 -11.21
N LYS B 106 18.66 36.04 -11.96
CA LYS B 106 19.60 36.98 -11.37
C LYS B 106 18.83 38.05 -10.61
N ARG B 107 19.42 38.49 -9.51
CA ARG B 107 18.86 39.57 -8.68
C ARG B 107 20.06 40.31 -8.10
N ALA B 108 19.79 41.40 -7.41
CA ALA B 108 20.84 42.19 -6.78
C ALA B 108 21.52 41.35 -5.70
N ASP B 109 22.83 41.53 -5.52
CA ASP B 109 23.57 40.79 -4.49
C ASP B 109 22.88 40.95 -3.14
N ALA B 110 22.85 39.87 -2.36
CA ALA B 110 22.20 39.92 -1.06
C ALA B 110 23.05 39.15 -0.09
N ALA B 111 23.38 39.79 1.03
CA ALA B 111 24.19 39.14 2.03
C ALA B 111 23.40 38.11 2.84
N PRO B 112 24.10 37.07 3.27
CA PRO B 112 23.41 36.04 4.05
C PRO B 112 23.05 36.47 5.47
N THR B 113 21.92 36.02 5.97
CA THR B 113 21.62 36.28 7.37
C THR B 113 22.15 35.01 8.05
N VAL B 114 23.16 35.18 8.89
CA VAL B 114 23.82 34.04 9.56
C VAL B 114 23.36 33.75 10.99
N SER B 115 23.03 32.50 11.30
CA SER B 115 22.61 32.13 12.65
C SER B 115 23.28 30.84 13.11
N ILE B 116 23.83 30.83 14.31
CA ILE B 116 24.47 29.61 14.83
C ILE B 116 23.65 29.06 16.01
N PHE B 117 23.58 27.74 16.10
CA PHE B 117 22.80 27.09 17.16
C PHE B 117 23.57 26.01 17.89
N PRO B 118 23.54 26.04 19.23
CA PRO B 118 24.24 25.00 20.00
C PRO B 118 23.39 23.72 19.95
N PRO B 119 23.99 22.60 20.36
CA PRO B 119 23.30 21.31 20.40
C PRO B 119 22.24 21.45 21.51
N SER B 120 21.16 20.71 21.40
CA SER B 120 20.10 20.75 22.39
C SER B 120 20.48 19.86 23.60
N THR B 121 19.91 20.19 24.75
CA THR B 121 20.17 19.37 25.92
C THR B 121 19.59 18.00 25.63
N GLU B 122 18.47 17.98 24.87
CA GLU B 122 17.83 16.72 24.53
C GLU B 122 18.81 15.83 23.78
N GLN B 123 19.51 16.39 22.80
CA GLN B 123 20.48 15.59 22.08
C GLN B 123 21.69 15.20 22.94
N LEU B 124 22.20 16.14 23.74
CA LEU B 124 23.35 15.87 24.59
C LEU B 124 23.15 14.69 25.51
N ALA B 125 21.95 14.59 26.07
CA ALA B 125 21.62 13.49 26.98
C ALA B 125 21.68 12.17 26.22
N THR B 126 21.95 12.25 24.93
CA THR B 126 22.04 11.10 24.05
C THR B 126 23.48 10.71 23.71
N GLY B 127 24.43 11.58 24.05
CA GLY B 127 25.82 11.28 23.77
C GLY B 127 26.30 11.93 22.48
N GLY B 128 25.36 12.52 21.74
CA GLY B 128 25.74 13.16 20.50
C GLY B 128 25.58 14.67 20.55
N ALA B 129 26.26 15.36 19.65
CA ALA B 129 26.17 16.80 19.58
C ALA B 129 26.25 17.23 18.11
N SER B 130 25.33 18.08 17.71
CA SER B 130 25.30 18.65 16.36
C SER B 130 25.19 20.15 16.55
N VAL B 131 26.04 20.91 15.86
CA VAL B 131 26.00 22.35 15.95
C VAL B 131 25.53 22.76 14.57
N VAL B 132 24.62 23.73 14.53
CA VAL B 132 24.09 24.13 13.26
C VAL B 132 24.34 25.59 12.94
N CYS B 133 24.70 25.84 11.69
CA CYS B 133 24.90 27.19 11.22
C CYS B 133 24.05 27.40 9.98
N LEU B 134 23.26 28.47 10.00
CA LEU B 134 22.38 28.81 8.87
C LEU B 134 22.78 30.12 8.20
N MET B 135 22.72 30.12 6.86
CA MET B 135 23.06 31.30 6.02
C MET B 135 21.87 31.46 5.10
N ASN B 136 20.96 32.32 5.49
CA ASN B 136 19.72 32.47 4.74
C ASN B 136 19.54 33.68 3.83
N ASN B 137 18.84 33.43 2.72
CA ASN B 137 18.48 34.46 1.76
C ASN B 137 19.59 35.30 1.15
N PHE B 138 20.54 34.62 0.51
CA PHE B 138 21.66 35.30 -0.10
C PHE B 138 21.70 35.08 -1.60
N TYR B 139 22.48 35.91 -2.27
CA TYR B 139 22.68 35.84 -3.70
C TYR B 139 23.97 36.65 -4.01
N PRO B 140 24.84 36.17 -4.91
CA PRO B 140 24.84 34.94 -5.72
C PRO B 140 24.99 33.65 -4.92
N ARG B 141 24.91 32.52 -5.63
CA ARG B 141 24.94 31.22 -4.99
C ARG B 141 26.22 30.75 -4.35
N ASP B 142 27.37 31.18 -4.89
CA ASP B 142 28.66 30.76 -4.35
C ASP B 142 28.84 31.27 -2.95
N ILE B 143 29.17 30.37 -2.03
CA ILE B 143 29.35 30.75 -0.63
C ILE B 143 30.16 29.64 0.04
N SER B 144 30.84 29.93 1.13
CA SER B 144 31.55 28.88 1.86
C SER B 144 31.46 29.16 3.35
N VAL B 145 31.61 28.10 4.13
CA VAL B 145 31.54 28.23 5.55
C VAL B 145 32.72 27.51 6.19
N LYS B 146 33.13 28.02 7.31
CA LYS B 146 34.22 27.39 8.02
C LYS B 146 33.86 27.37 9.49
N TRP B 147 33.98 26.19 10.09
CA TRP B 147 33.73 26.04 11.52
C TRP B 147 35.05 26.17 12.27
N LYS B 148 35.06 26.96 13.35
CA LYS B 148 36.25 27.10 14.18
C LYS B 148 35.88 26.83 15.62
N ILE B 149 36.68 26.00 16.28
CA ILE B 149 36.42 25.65 17.68
C ILE B 149 37.63 26.11 18.51
N ASP B 150 37.41 27.10 19.36
CA ASP B 150 38.50 27.68 20.13
C ASP B 150 39.62 28.10 19.18
N GLY B 151 39.20 28.65 18.04
CA GLY B 151 40.16 29.15 17.08
C GLY B 151 40.71 28.16 16.09
N THR B 152 40.47 26.87 16.30
CA THR B 152 41.00 25.88 15.37
C THR B 152 39.96 25.44 14.33
N GLU B 153 40.34 25.42 13.06
CA GLU B 153 39.42 25.01 12.01
C GLU B 153 39.03 23.53 12.18
N ARG B 154 37.75 23.22 12.03
CA ARG B 154 37.30 21.83 12.16
C ARG B 154 36.70 21.46 10.80
N ARG B 155 37.44 20.67 10.02
CA ARG B 155 37.00 20.26 8.69
C ARG B 155 36.20 18.97 8.66
N ASP B 156 36.47 18.09 9.63
CA ASP B 156 35.78 16.83 9.75
C ASP B 156 34.40 16.92 10.42
N GLY B 157 33.48 16.09 9.96
CA GLY B 157 32.12 16.04 10.52
C GLY B 157 31.20 17.14 10.02
N VAL B 158 31.50 17.73 8.88
CA VAL B 158 30.69 18.82 8.36
C VAL B 158 29.89 18.41 7.12
N LEU B 159 28.58 18.71 7.12
CA LEU B 159 27.75 18.44 5.95
C LEU B 159 26.87 19.64 5.72
N ASP B 160 26.77 20.07 4.46
CA ASP B 160 25.98 21.25 4.12
C ASP B 160 24.94 20.92 3.05
N SER B 161 23.89 21.74 2.94
CA SER B 161 22.95 21.56 1.86
C SER B 161 22.37 22.93 1.55
N VAL B 162 22.07 23.16 0.28
CA VAL B 162 21.57 24.45 -0.19
C VAL B 162 20.17 24.31 -0.75
N THR B 163 19.28 25.24 -0.43
CA THR B 163 17.93 25.16 -0.98
C THR B 163 17.91 25.53 -2.46
N ASP B 164 16.82 25.20 -3.13
CA ASP B 164 16.65 25.61 -4.52
C ASP B 164 16.34 27.10 -4.50
N GLN B 165 16.72 27.83 -5.55
CA GLN B 165 16.45 29.26 -5.61
C GLN B 165 14.98 29.57 -5.28
N ASP B 166 14.73 30.55 -4.43
CA ASP B 166 13.37 30.92 -4.06
C ASP B 166 12.61 31.51 -5.26
N SER B 167 11.37 31.04 -5.47
CA SER B 167 10.55 31.49 -6.59
C SER B 167 10.09 32.94 -6.43
N LYS B 168 10.15 33.46 -5.22
CA LYS B 168 9.69 34.81 -4.94
C LYS B 168 10.77 35.89 -4.86
N ASP B 169 11.78 35.66 -4.01
CA ASP B 169 12.85 36.63 -3.85
C ASP B 169 14.17 36.28 -4.52
N SER B 170 14.18 35.16 -5.24
CA SER B 170 15.36 34.70 -5.98
C SER B 170 16.64 34.48 -5.20
N THR B 171 16.53 34.28 -3.88
CA THR B 171 17.74 34.03 -3.08
C THR B 171 17.91 32.53 -2.82
N TYR B 172 19.03 32.17 -2.22
CA TYR B 172 19.36 30.79 -1.81
C TYR B 172 19.60 30.81 -0.31
N SER B 173 19.55 29.64 0.30
CA SER B 173 19.86 29.51 1.72
C SER B 173 20.63 28.21 1.92
N MET B 174 21.55 28.24 2.88
CA MET B 174 22.36 27.07 3.16
C MET B 174 22.43 26.74 4.64
N SER B 175 22.43 25.44 4.89
CA SER B 175 22.52 24.95 6.24
C SER B 175 23.79 24.12 6.29
N SER B 176 24.55 24.30 7.37
CA SER B 176 25.78 23.55 7.63
C SER B 176 25.67 22.92 9.00
N THR B 177 25.87 21.61 9.08
CA THR B 177 25.81 20.91 10.36
C THR B 177 27.16 20.34 10.73
N LEU B 178 27.63 20.62 11.95
CA LEU B 178 28.89 20.07 12.44
C LEU B 178 28.53 19.00 13.46
N SER B 179 28.93 17.76 13.19
CA SER B 179 28.62 16.66 14.08
C SER B 179 29.88 16.29 14.85
N LEU B 180 29.72 16.10 16.15
CA LEU B 180 30.82 15.69 17.01
C LEU B 180 30.22 14.98 18.21
N THR B 181 31.01 14.18 18.91
CA THR B 181 30.50 13.48 20.09
C THR B 181 30.26 14.45 21.22
N LYS B 182 29.49 14.01 22.21
CA LYS B 182 29.22 14.83 23.38
C LYS B 182 30.57 15.15 24.07
N ALA B 183 31.44 14.16 24.22
CA ALA B 183 32.72 14.37 24.89
C ALA B 183 33.54 15.45 24.18
N ASP B 184 33.59 15.35 22.86
CA ASP B 184 34.34 16.30 22.05
C ASP B 184 33.77 17.69 22.32
N TYR B 185 32.45 17.80 22.13
CA TYR B 185 31.76 19.07 22.33
C TYR B 185 32.02 19.66 23.70
N GLU B 186 31.94 18.85 24.75
CA GLU B 186 32.14 19.42 26.06
C GLU B 186 33.61 19.71 26.45
N SER B 187 34.53 19.44 25.54
CA SER B 187 35.94 19.71 25.82
C SER B 187 36.42 21.05 25.20
N HIS B 188 35.51 21.79 24.59
CA HIS B 188 35.88 23.07 24.00
C HIS B 188 34.90 24.16 24.41
N ASN B 189 35.27 25.42 24.19
CA ASN B 189 34.38 26.49 24.63
C ASN B 189 33.74 27.37 23.58
N LEU B 190 34.57 27.91 22.69
CA LEU B 190 34.11 28.83 21.67
C LEU B 190 33.83 28.13 20.36
N TYR B 191 32.60 28.27 19.92
CA TYR B 191 32.16 27.69 18.66
C TYR B 191 31.83 28.82 17.67
N THR B 192 32.50 28.79 16.53
CA THR B 192 32.30 29.82 15.53
C THR B 192 31.97 29.31 14.15
N CYS B 193 31.03 30.01 13.53
CA CYS B 193 30.63 29.73 12.17
C CYS B 193 31.10 30.97 11.41
N GLU B 194 31.98 30.82 10.43
CA GLU B 194 32.47 31.95 9.60
C GLU B 194 31.98 31.76 8.19
N VAL B 195 31.42 32.81 7.63
CA VAL B 195 30.86 32.71 6.31
C VAL B 195 31.47 33.66 5.31
N VAL B 196 31.89 33.12 4.17
CA VAL B 196 32.48 33.94 3.13
C VAL B 196 31.54 34.04 1.94
N HIS B 197 31.22 35.29 1.56
CA HIS B 197 30.31 35.57 0.45
C HIS B 197 30.77 36.86 -0.21
N LYS B 198 30.52 37.01 -1.52
CA LYS B 198 31.00 38.20 -2.20
C LYS B 198 30.45 39.52 -1.64
N THR B 199 29.36 39.47 -0.87
CA THR B 199 28.81 40.69 -0.31
C THR B 199 29.65 41.33 0.80
N SER B 200 30.72 40.66 1.23
CA SER B 200 31.57 41.21 2.27
C SER B 200 33.04 40.85 2.00
N SER B 201 33.96 41.79 2.25
CA SER B 201 35.36 41.54 1.99
C SER B 201 35.95 40.65 3.10
N SER B 202 35.40 40.76 4.30
CA SER B 202 35.85 39.92 5.39
C SER B 202 34.73 38.95 5.75
N PRO B 203 35.05 37.83 6.40
CA PRO B 203 34.04 36.82 6.79
C PRO B 203 32.98 37.32 7.78
N VAL B 204 31.77 36.77 7.69
CA VAL B 204 30.69 37.09 8.63
C VAL B 204 30.88 36.03 9.70
N VAL B 205 30.93 36.47 10.95
CA VAL B 205 31.20 35.59 12.06
C VAL B 205 30.09 35.53 13.09
N LYS B 206 29.67 34.32 13.47
CA LYS B 206 28.66 34.15 14.52
C LYS B 206 29.21 33.08 15.45
N SER B 207 29.09 33.31 16.74
CA SER B 207 29.64 32.40 17.73
C SER B 207 28.78 32.26 18.96
N PHE B 208 29.09 31.25 19.76
CA PHE B 208 28.46 31.09 21.06
C PHE B 208 29.51 30.41 21.89
N ASN B 209 29.36 30.52 23.20
CA ASN B 209 30.28 29.91 24.14
C ASN B 209 29.52 28.82 24.87
N ARG B 210 30.06 27.60 24.90
CA ARG B 210 29.38 26.51 25.57
C ARG B 210 29.20 26.86 27.06
N GLN C 1 -10.55 17.04 -15.25
CA GLN C 1 -10.87 16.04 -14.19
C GLN C 1 -9.99 14.80 -14.40
N VAL C 2 -9.16 14.86 -15.43
CA VAL C 2 -8.24 13.77 -15.75
C VAL C 2 -7.35 13.61 -14.53
N ASN C 3 -7.16 12.37 -14.09
CA ASN C 3 -6.31 12.10 -12.93
C ASN C 3 -5.66 10.73 -13.02
N LEU C 4 -4.39 10.67 -12.63
CA LEU C 4 -3.62 9.43 -12.60
C LEU C 4 -3.17 9.28 -11.15
N LEU C 5 -3.76 8.32 -10.45
CA LEU C 5 -3.43 8.11 -9.04
C LEU C 5 -2.52 6.91 -8.87
N GLN C 6 -1.30 7.18 -8.42
CA GLN C 6 -0.34 6.11 -8.25
C GLN C 6 -0.34 5.47 -6.87
N SER C 7 0.12 4.23 -6.81
CA SER C 7 0.23 3.48 -5.55
C SER C 7 1.31 4.14 -4.67
N GLY C 8 1.39 3.73 -3.40
CA GLY C 8 2.33 4.34 -2.46
C GLY C 8 3.83 4.06 -2.53
N ALA C 9 4.59 4.95 -1.91
CA ALA C 9 6.04 4.76 -1.87
C ALA C 9 6.34 3.32 -1.42
N ALA C 10 7.46 2.77 -1.93
CA ALA C 10 7.88 1.40 -1.60
C ALA C 10 9.35 1.24 -1.27
N LEU C 11 9.62 0.67 -0.09
CA LEU C 11 10.98 0.37 0.35
C LEU C 11 11.08 -1.12 0.09
N VAL C 12 11.97 -1.51 -0.79
CA VAL C 12 12.09 -2.91 -1.19
C VAL C 12 13.53 -3.39 -1.18
N LYS C 13 13.70 -4.70 -0.96
CA LYS C 13 15.03 -5.28 -0.87
C LYS C 13 15.65 -5.62 -2.20
N PRO C 14 16.99 -5.50 -2.29
CA PRO C 14 17.73 -5.81 -3.52
C PRO C 14 17.37 -7.23 -3.90
N GLY C 15 17.18 -7.46 -5.20
CA GLY C 15 16.85 -8.77 -5.72
C GLY C 15 15.37 -9.08 -5.79
N ALA C 16 14.55 -8.33 -5.07
CA ALA C 16 13.13 -8.58 -5.09
C ALA C 16 12.49 -7.83 -6.25
N SER C 17 11.19 -7.95 -6.38
CA SER C 17 10.46 -7.24 -7.43
C SER C 17 9.43 -6.39 -6.71
N VAL C 18 8.83 -5.44 -7.43
CA VAL C 18 7.80 -4.60 -6.88
C VAL C 18 6.88 -4.23 -8.04
N LYS C 19 5.58 -4.20 -7.78
CA LYS C 19 4.61 -3.86 -8.82
C LYS C 19 3.90 -2.54 -8.49
N LEU C 20 4.11 -1.54 -9.34
CA LEU C 20 3.47 -0.23 -9.16
C LEU C 20 2.17 -0.12 -9.93
N SER C 21 1.25 0.70 -9.42
CA SER C 21 -0.03 0.85 -10.12
C SER C 21 -0.33 2.33 -10.41
N CYS C 22 -1.23 2.53 -11.35
CA CYS C 22 -1.61 3.85 -11.81
C CYS C 22 -3.09 3.77 -12.12
N LYS C 23 -3.92 4.31 -11.24
CA LYS C 23 -5.36 4.28 -11.44
C LYS C 23 -5.84 5.55 -12.17
N ALA C 24 -6.46 5.35 -13.33
CA ALA C 24 -6.92 6.47 -14.15
C ALA C 24 -8.39 6.81 -13.91
N SER C 25 -8.73 8.08 -14.04
CA SER C 25 -10.12 8.50 -13.89
C SER C 25 -10.27 9.83 -14.61
N GLY C 26 -11.52 10.18 -14.95
CA GLY C 26 -11.78 11.47 -15.61
C GLY C 26 -11.78 11.45 -17.12
N TYR C 27 -11.65 10.26 -17.70
CA TYR C 27 -11.62 10.12 -19.14
C TYR C 27 -11.85 8.67 -19.50
N THR C 28 -12.12 8.40 -20.77
CA THR C 28 -12.32 7.02 -21.24
C THR C 28 -10.97 6.32 -21.28
N PHE C 29 -10.75 5.41 -20.34
CA PHE C 29 -9.48 4.70 -20.20
C PHE C 29 -8.86 4.08 -21.45
N THR C 30 -9.68 3.46 -22.29
CA THR C 30 -9.16 2.79 -23.48
C THR C 30 -8.82 3.71 -24.66
N ASP C 31 -9.12 5.00 -24.54
CA ASP C 31 -8.85 5.97 -25.62
C ASP C 31 -7.43 6.56 -25.54
N PHE C 32 -6.67 6.21 -24.52
CA PHE C 32 -5.32 6.79 -24.37
C PHE C 32 -4.30 5.77 -23.88
N TYR C 33 -3.04 5.97 -24.22
CA TYR C 33 -1.98 5.07 -23.76
C TYR C 33 -1.45 5.49 -22.39
N ILE C 34 -0.91 4.51 -21.67
CA ILE C 34 -0.28 4.77 -20.39
C ILE C 34 1.21 4.62 -20.62
N HIS C 35 1.99 5.64 -20.25
CA HIS C 35 3.45 5.57 -20.39
C HIS C 35 4.04 5.59 -18.99
N TRP C 36 5.26 5.09 -18.86
CA TRP C 36 5.95 5.12 -17.57
C TRP C 36 7.28 5.79 -17.81
N VAL C 37 7.68 6.59 -16.83
CA VAL C 37 8.89 7.40 -16.87
C VAL C 37 9.71 7.22 -15.58
N LYS C 38 11.03 7.28 -15.69
CA LYS C 38 11.91 7.16 -14.54
C LYS C 38 12.72 8.44 -14.33
N GLN C 39 12.78 8.92 -13.08
CA GLN C 39 13.61 10.08 -12.80
C GLN C 39 14.46 9.76 -11.59
N SER C 40 15.75 9.61 -11.79
CA SER C 40 16.63 9.30 -10.68
C SER C 40 16.98 10.60 -10.00
N HIS C 41 17.30 10.53 -8.71
CA HIS C 41 17.71 11.71 -7.96
C HIS C 41 18.84 12.27 -8.84
N GLY C 42 18.82 13.57 -9.08
CA GLY C 42 19.84 14.15 -9.95
C GLY C 42 19.06 14.68 -11.14
N LYS C 43 17.81 14.21 -11.23
CA LYS C 43 16.81 14.62 -12.21
C LYS C 43 16.75 14.27 -13.70
N SER C 44 17.58 13.36 -14.20
CA SER C 44 17.47 13.00 -15.61
C SER C 44 16.16 12.19 -15.84
N LEU C 45 15.36 12.53 -16.86
CA LEU C 45 14.12 11.79 -17.12
C LEU C 45 14.40 10.73 -18.21
N GLU C 46 13.88 9.53 -17.99
CA GLU C 46 14.04 8.44 -18.94
C GLU C 46 12.69 7.81 -19.23
N TRP C 47 12.41 7.55 -20.50
CA TRP C 47 11.14 6.92 -20.86
C TRP C 47 11.33 5.39 -20.86
N ILE C 48 10.43 4.71 -20.16
CA ILE C 48 10.44 3.25 -20.00
C ILE C 48 9.66 2.55 -21.11
N GLY C 49 8.48 3.07 -21.41
CA GLY C 49 7.67 2.50 -22.48
C GLY C 49 6.20 2.81 -22.31
N TYR C 50 5.39 2.29 -23.22
CA TYR C 50 3.96 2.52 -23.13
C TYR C 50 3.15 1.23 -23.31
N ILE C 51 1.90 1.30 -22.92
CA ILE C 51 1.03 0.15 -23.14
C ILE C 51 -0.31 0.73 -23.58
N ASN C 52 -0.88 0.14 -24.61
CA ASN C 52 -2.19 0.54 -25.15
C ASN C 52 -3.17 -0.31 -24.36
N PRO C 53 -3.99 0.31 -23.50
CA PRO C 53 -5.00 -0.37 -22.65
C PRO C 53 -6.05 -1.18 -23.37
N ASN C 54 -6.40 -0.74 -24.56
CA ASN C 54 -7.41 -1.43 -25.35
C ASN C 54 -6.96 -2.83 -25.78
N SER C 55 -5.70 -2.97 -26.11
CA SER C 55 -5.21 -4.24 -26.60
C SER C 55 -4.13 -4.89 -25.75
N GLY C 56 -3.46 -4.09 -24.93
CA GLY C 56 -2.38 -4.64 -24.14
C GLY C 56 -1.05 -4.53 -24.87
N TYR C 57 -1.07 -4.08 -26.12
CA TYR C 57 0.13 -3.92 -26.95
C TYR C 57 1.14 -2.99 -26.23
N THR C 58 2.42 -3.36 -26.24
CA THR C 58 3.44 -2.56 -25.57
C THR C 58 4.60 -2.13 -26.47
N ASN C 59 5.26 -1.05 -26.07
CA ASN C 59 6.45 -0.55 -26.76
C ASN C 59 7.42 -0.20 -25.63
N TYR C 60 8.48 -1.00 -25.47
CA TYR C 60 9.50 -0.78 -24.44
C TYR C 60 10.78 -0.14 -24.96
N ASN C 61 11.34 0.74 -24.17
CA ASN C 61 12.63 1.34 -24.43
C ASN C 61 13.53 0.10 -24.26
N GLU C 62 14.38 -0.17 -25.23
CA GLU C 62 15.27 -1.33 -25.17
C GLU C 62 16.06 -1.39 -23.84
N LYS C 63 16.39 -0.23 -23.29
CA LYS C 63 17.14 -0.18 -22.05
C LYS C 63 16.40 -0.72 -20.83
N PHE C 64 15.08 -0.84 -20.91
CA PHE C 64 14.28 -1.35 -19.79
C PHE C 64 13.60 -2.67 -20.09
N LYS C 65 13.88 -3.24 -21.24
CA LYS C 65 13.18 -4.49 -21.55
C LYS C 65 13.43 -5.65 -20.58
N ASN C 66 14.59 -5.70 -19.95
CA ASN C 66 14.79 -6.81 -19.01
C ASN C 66 14.52 -6.41 -17.55
N LYS C 67 14.04 -5.18 -17.37
CA LYS C 67 13.77 -4.64 -16.04
C LYS C 67 12.30 -4.40 -15.75
N ALA C 68 11.55 -3.94 -16.75
CA ALA C 68 10.17 -3.60 -16.51
C ALA C 68 9.16 -4.37 -17.33
N THR C 69 8.00 -4.60 -16.72
CA THR C 69 6.91 -5.27 -17.40
C THR C 69 5.65 -4.44 -17.18
N LEU C 70 5.05 -3.99 -18.29
CA LEU C 70 3.84 -3.19 -18.23
C LEU C 70 2.61 -4.04 -18.49
N THR C 71 1.54 -3.79 -17.75
CA THR C 71 0.28 -4.51 -17.89
C THR C 71 -0.84 -3.52 -17.62
N VAL C 72 -2.06 -3.88 -17.99
CA VAL C 72 -3.23 -3.05 -17.70
C VAL C 72 -4.40 -3.91 -17.29
N ASP C 73 -5.34 -3.33 -16.55
CA ASP C 73 -6.57 -4.00 -16.18
C ASP C 73 -7.66 -3.09 -16.71
N LYS C 74 -8.13 -3.36 -17.93
CA LYS C 74 -9.15 -2.53 -18.55
C LYS C 74 -10.36 -2.35 -17.65
N SER C 75 -10.75 -3.44 -16.99
CA SER C 75 -11.92 -3.44 -16.13
C SER C 75 -11.86 -2.51 -14.91
N THR C 76 -10.66 -2.14 -14.49
CA THR C 76 -10.52 -1.25 -13.34
C THR C 76 -9.78 0.03 -13.68
N SER C 77 -9.57 0.27 -14.98
CA SER C 77 -8.86 1.47 -15.44
C SER C 77 -7.56 1.63 -14.69
N THR C 78 -6.81 0.54 -14.58
CA THR C 78 -5.54 0.58 -13.86
C THR C 78 -4.36 0.02 -14.64
N GLY C 79 -3.26 0.78 -14.64
CA GLY C 79 -2.08 0.33 -15.34
C GLY C 79 -1.05 -0.08 -14.32
N TYR C 80 -0.22 -1.07 -14.65
CA TYR C 80 0.80 -1.55 -13.72
C TYR C 80 2.15 -1.60 -14.39
N MET C 81 3.18 -1.51 -13.57
CA MET C 81 4.54 -1.65 -14.03
C MET C 81 5.30 -2.44 -12.98
N GLU C 82 5.80 -3.60 -13.37
CA GLU C 82 6.52 -4.41 -12.41
C GLU C 82 8.00 -4.33 -12.69
N LEU C 83 8.77 -4.00 -11.68
CA LEU C 83 10.23 -3.91 -11.80
C LEU C 83 10.78 -5.15 -11.14
N SER C 84 11.71 -5.83 -11.81
CA SER C 84 12.25 -7.07 -11.24
C SER C 84 13.75 -7.01 -10.98
N ARG C 85 14.25 -7.98 -10.20
CA ARG C 85 15.66 -8.08 -9.86
C ARG C 85 16.24 -6.73 -9.44
N LEU C 86 15.54 -6.08 -8.51
CA LEU C 86 15.95 -4.75 -8.06
C LEU C 86 17.35 -4.57 -7.54
N THR C 87 17.96 -3.47 -7.95
CA THR C 87 19.31 -3.10 -7.51
C THR C 87 19.19 -1.63 -7.10
N SER C 88 20.26 -1.07 -6.52
CA SER C 88 20.22 0.32 -6.10
C SER C 88 20.05 1.26 -7.30
N GLU C 89 20.37 0.78 -8.50
CA GLU C 89 20.21 1.60 -9.72
C GLU C 89 18.74 1.83 -10.07
N ASP C 90 17.85 1.00 -9.53
CA ASP C 90 16.43 1.15 -9.76
C ASP C 90 15.76 2.08 -8.75
N SER C 91 16.49 2.55 -7.75
CA SER C 91 15.91 3.50 -6.79
C SER C 91 15.64 4.79 -7.58
N ALA C 92 14.38 5.23 -7.57
CA ALA C 92 14.04 6.44 -8.31
C ALA C 92 12.57 6.74 -8.10
N ASN C 93 12.13 7.81 -8.75
CA ASN C 93 10.75 8.26 -8.72
C ASN C 93 10.16 7.80 -10.07
N TYR C 94 9.14 6.95 -10.02
CA TYR C 94 8.54 6.46 -11.24
C TYR C 94 7.17 7.12 -11.43
N SER C 95 6.89 7.56 -12.65
CA SER C 95 5.63 8.22 -12.94
C SER C 95 4.92 7.62 -14.14
N CYS C 96 3.60 7.62 -14.09
CA CYS C 96 2.82 7.19 -15.23
C CYS C 96 2.32 8.48 -15.84
N THR C 97 2.13 8.46 -17.16
CA THR C 97 1.61 9.63 -17.86
C THR C 97 0.57 9.15 -18.86
N ARG C 98 -0.29 10.07 -19.28
CA ARG C 98 -1.30 9.70 -20.24
C ARG C 98 -0.90 10.26 -21.62
N GLY C 99 -0.97 9.42 -22.62
CA GLY C 99 -0.64 9.89 -23.96
C GLY C 99 -1.76 9.66 -24.99
N VAL C 100 -1.99 10.66 -25.83
CA VAL C 100 -2.95 10.54 -26.92
C VAL C 100 -2.21 9.53 -27.80
N PRO C 101 -2.91 8.52 -28.33
CA PRO C 101 -2.20 7.56 -29.18
C PRO C 101 -1.54 8.24 -30.37
N GLY C 102 -0.24 8.02 -30.53
CA GLY C 102 0.46 8.60 -31.64
C GLY C 102 1.05 9.97 -31.34
N ASN C 103 0.79 10.51 -30.16
CA ASN C 103 1.35 11.80 -29.75
C ASN C 103 2.07 11.54 -28.45
N ASN C 104 3.32 11.09 -28.55
CA ASN C 104 4.12 10.73 -27.38
C ASN C 104 4.70 11.92 -26.64
N TRP C 105 3.82 12.74 -26.07
CA TRP C 105 4.26 13.86 -25.24
C TRP C 105 3.23 13.87 -24.12
N PHE C 106 3.61 14.46 -22.99
CA PHE C 106 2.80 14.30 -21.79
C PHE C 106 2.21 15.48 -21.03
N PRO C 107 0.94 15.77 -21.27
CA PRO C 107 0.28 16.89 -20.57
C PRO C 107 -0.17 16.50 -19.16
N TYR C 108 -0.41 15.22 -18.93
CA TYR C 108 -0.86 14.72 -17.64
C TYR C 108 0.06 13.68 -17.05
N TRP C 109 0.41 13.87 -15.78
CA TRP C 109 1.30 12.98 -15.05
C TRP C 109 0.65 12.47 -13.77
N GLY C 110 1.04 11.27 -13.35
CA GLY C 110 0.57 10.75 -12.08
C GLY C 110 1.39 11.52 -11.05
N GLN C 111 1.15 11.33 -9.75
CA GLN C 111 1.88 12.10 -8.77
C GLN C 111 3.29 11.57 -8.50
N GLY C 112 3.57 10.39 -9.04
CA GLY C 112 4.88 9.78 -8.85
C GLY C 112 4.89 8.82 -7.68
N THR C 113 5.74 7.79 -7.78
CA THR C 113 5.87 6.81 -6.73
C THR C 113 7.37 6.65 -6.51
N LEU C 114 7.83 6.86 -5.29
CA LEU C 114 9.25 6.71 -4.96
C LEU C 114 9.59 5.27 -4.56
N VAL C 115 10.55 4.69 -5.26
CA VAL C 115 11.00 3.33 -4.99
C VAL C 115 12.41 3.42 -4.39
N THR C 116 12.58 2.87 -3.20
CA THR C 116 13.88 2.86 -2.55
C THR C 116 14.32 1.40 -2.41
N VAL C 117 15.43 1.07 -3.04
CA VAL C 117 15.96 -0.29 -3.01
C VAL C 117 17.07 -0.38 -1.96
N SER C 118 16.78 -1.07 -0.87
CA SER C 118 17.76 -1.19 0.21
C SER C 118 17.47 -2.35 1.14
N SER C 119 18.52 -2.89 1.76
CA SER C 119 18.39 -3.97 2.74
C SER C 119 18.00 -3.40 4.10
N ALA C 120 18.26 -2.11 4.30
CA ALA C 120 17.95 -1.46 5.60
C ALA C 120 16.47 -1.27 5.90
N GLU C 121 16.14 -1.34 7.18
CA GLU C 121 14.78 -1.14 7.65
C GLU C 121 14.54 0.33 8.00
N THR C 122 13.28 0.72 8.12
CA THR C 122 12.94 2.09 8.41
C THR C 122 13.42 2.48 9.81
N THR C 123 13.84 3.73 9.94
CA THR C 123 14.30 4.28 11.20
C THR C 123 13.62 5.64 11.29
N ALA C 124 12.87 5.86 12.36
CA ALA C 124 12.15 7.10 12.54
C ALA C 124 13.17 8.15 12.98
N PRO C 125 12.91 9.43 12.74
CA PRO C 125 13.85 10.50 13.13
C PRO C 125 13.73 10.98 14.59
N SER C 126 14.81 11.56 15.11
CA SER C 126 14.80 12.20 16.42
C SER C 126 14.72 13.66 16.00
N VAL C 127 13.91 14.44 16.70
CA VAL C 127 13.74 15.85 16.35
C VAL C 127 14.25 16.75 17.46
N TYR C 128 15.25 17.55 17.15
CA TYR C 128 15.86 18.44 18.16
C TYR C 128 15.59 19.91 17.91
N PRO C 129 15.48 20.71 18.98
CA PRO C 129 15.23 22.12 18.69
C PRO C 129 16.50 22.89 18.31
N LEU C 130 16.31 23.95 17.54
CA LEU C 130 17.36 24.88 17.18
C LEU C 130 16.89 26.22 17.77
N ALA C 131 17.55 26.65 18.86
CA ALA C 131 17.21 27.91 19.53
C ALA C 131 18.53 28.64 19.81
N PRO C 132 18.52 29.97 19.73
CA PRO C 132 19.67 30.85 19.95
C PRO C 132 20.35 30.64 21.29
N GLY C 133 21.68 30.63 21.26
CA GLY C 133 22.43 30.49 22.48
C GLY C 133 22.23 31.77 23.29
N THR C 134 22.49 32.93 22.68
CA THR C 134 22.31 34.18 23.41
C THR C 134 22.41 35.46 22.59
N ALA C 135 22.30 36.58 23.29
CA ALA C 135 22.36 37.91 22.68
C ALA C 135 21.13 38.19 21.83
N LEU C 136 19.95 38.01 22.44
CA LEU C 136 18.67 38.24 21.76
C LEU C 136 18.06 39.60 22.06
N LYS C 137 18.65 40.64 21.47
CA LYS C 137 18.18 42.02 21.64
C LYS C 137 18.79 42.90 20.57
N SER C 138 19.66 42.28 19.76
CA SER C 138 20.35 42.97 18.70
C SER C 138 19.69 42.83 17.32
N ASN C 139 18.46 42.32 17.28
CA ASN C 139 17.78 42.17 15.99
C ASN C 139 16.26 42.10 16.09
N SER C 140 15.61 42.68 15.09
CA SER C 140 14.17 42.71 15.01
C SER C 140 13.58 41.34 14.69
N MET C 141 14.39 40.46 14.10
CA MET C 141 13.90 39.12 13.74
C MET C 141 14.69 38.04 14.49
N VAL C 142 14.11 36.85 14.63
CA VAL C 142 14.82 35.74 15.27
C VAL C 142 14.54 34.49 14.43
N THR C 143 15.58 33.69 14.20
CA THR C 143 15.46 32.48 13.41
C THR C 143 15.52 31.26 14.34
N LEU C 144 14.53 30.38 14.21
CA LEU C 144 14.45 29.18 15.04
C LEU C 144 14.40 27.99 14.10
N GLY C 145 14.45 26.79 14.63
CA GLY C 145 14.41 25.64 13.74
C GLY C 145 14.30 24.31 14.43
N CYS C 146 14.36 23.27 13.61
CA CYS C 146 14.32 21.89 14.07
C CYS C 146 15.35 21.08 13.28
N LEU C 147 16.05 20.20 13.98
CA LEU C 147 17.02 19.31 13.37
C LEU C 147 16.34 17.93 13.41
N VAL C 148 16.12 17.37 12.23
CA VAL C 148 15.44 16.07 12.08
C VAL C 148 16.54 15.11 11.71
N LYS C 149 16.98 14.33 12.70
CA LYS C 149 18.14 13.48 12.54
C LYS C 149 17.99 11.98 12.56
N GLY C 150 18.74 11.34 11.67
CA GLY C 150 18.78 9.90 11.62
C GLY C 150 17.61 9.11 11.08
N TYR C 151 16.99 9.54 9.99
CA TYR C 151 15.89 8.74 9.53
C TYR C 151 16.17 7.98 8.24
N PHE C 152 15.27 7.08 7.91
CA PHE C 152 15.40 6.29 6.69
C PHE C 152 14.10 5.54 6.46
N PRO C 153 13.60 5.55 5.22
CA PRO C 153 14.15 6.21 4.03
C PRO C 153 13.54 7.61 3.92
N GLU C 154 13.80 8.31 2.82
CA GLU C 154 13.18 9.62 2.55
C GLU C 154 11.73 9.27 2.22
N PRO C 155 10.80 10.24 2.32
CA PRO C 155 11.00 11.63 2.73
C PRO C 155 10.47 11.89 4.15
N VAL C 156 10.60 13.13 4.60
CA VAL C 156 10.00 13.58 5.84
C VAL C 156 9.31 14.85 5.39
N THR C 157 8.31 15.29 6.12
CA THR C 157 7.65 16.54 5.78
C THR C 157 7.72 17.40 7.02
N VAL C 158 7.98 18.69 6.83
CA VAL C 158 8.05 19.58 7.97
C VAL C 158 7.13 20.77 7.78
N THR C 159 6.32 21.05 8.80
CA THR C 159 5.47 22.23 8.73
C THR C 159 5.72 22.97 10.01
N TRP C 160 5.29 24.25 10.03
CA TRP C 160 5.40 25.10 11.20
C TRP C 160 4.01 25.54 11.68
N ASN C 161 3.79 25.37 12.98
CA ASN C 161 2.51 25.72 13.61
C ASN C 161 1.33 25.13 12.85
N SER C 162 1.46 23.83 12.58
CA SER C 162 0.46 23.02 11.88
C SER C 162 0.13 23.53 10.51
N GLY C 163 1.10 24.18 9.87
CA GLY C 163 0.85 24.69 8.54
C GLY C 163 0.40 26.14 8.46
N ALA C 164 0.01 26.72 9.60
CA ALA C 164 -0.47 28.12 9.58
C ALA C 164 0.66 29.15 9.38
N LEU C 165 1.90 28.75 9.62
CA LEU C 165 3.04 29.65 9.47
C LEU C 165 3.90 29.11 8.33
N SER C 166 3.91 29.82 7.20
CA SER C 166 4.65 29.36 6.02
C SER C 166 5.62 30.43 5.50
N SER C 167 5.39 31.67 5.91
CA SER C 167 6.26 32.76 5.50
C SER C 167 7.57 32.67 6.31
N GLY C 168 8.70 32.92 5.65
CA GLY C 168 9.98 32.90 6.34
C GLY C 168 10.52 31.52 6.69
N VAL C 169 9.97 30.47 6.07
CA VAL C 169 10.42 29.11 6.34
C VAL C 169 11.43 28.61 5.27
N HIS C 170 12.46 27.89 5.73
CA HIS C 170 13.43 27.26 4.82
C HIS C 170 13.59 25.81 5.28
N THR C 171 13.19 24.84 4.46
CA THR C 171 13.43 23.44 4.79
C THR C 171 14.49 23.00 3.79
N PHE C 172 15.65 22.62 4.32
CA PHE C 172 16.83 22.27 3.52
C PHE C 172 16.85 20.81 3.09
N PRO C 173 17.49 20.54 1.96
CA PRO C 173 17.58 19.16 1.47
C PRO C 173 18.27 18.29 2.49
N ALA C 174 17.78 17.07 2.67
CA ALA C 174 18.40 16.14 3.61
C ALA C 174 19.78 15.71 3.08
N VAL C 175 20.68 15.33 3.99
CA VAL C 175 22.00 14.79 3.64
C VAL C 175 22.04 13.39 4.22
N LEU C 176 22.71 12.50 3.48
CA LEU C 176 22.84 11.09 3.82
C LEU C 176 24.22 10.77 4.35
N GLN C 177 24.27 10.07 5.47
CA GLN C 177 25.52 9.67 6.08
C GLN C 177 25.31 8.37 6.84
N SER C 178 26.16 7.39 6.58
CA SER C 178 26.05 6.10 7.25
C SER C 178 24.65 5.52 7.15
N GLY C 179 24.02 5.68 5.99
CA GLY C 179 22.71 5.12 5.77
C GLY C 179 21.52 5.85 6.37
N LEU C 180 21.77 6.98 7.04
CA LEU C 180 20.69 7.75 7.64
C LEU C 180 20.68 9.18 7.14
N TYR C 181 19.49 9.74 7.02
CA TYR C 181 19.31 11.10 6.54
C TYR C 181 19.13 12.04 7.70
N THR C 182 19.49 13.30 7.47
CA THR C 182 19.35 14.36 8.46
C THR C 182 19.02 15.62 7.68
N LEU C 183 18.08 16.41 8.18
CA LEU C 183 17.75 17.68 7.56
C LEU C 183 17.37 18.69 8.64
N THR C 184 17.44 19.97 8.27
CA THR C 184 17.05 21.06 9.15
C THR C 184 15.96 21.87 8.44
N SER C 185 15.17 22.58 9.22
CA SER C 185 14.11 23.48 8.74
C SER C 185 14.16 24.65 9.71
N SER C 186 14.13 25.87 9.18
CA SER C 186 14.14 27.04 10.03
C SER C 186 12.92 27.90 9.71
N VAL C 187 12.59 28.78 10.64
CA VAL C 187 11.53 29.74 10.40
C VAL C 187 12.02 31.03 11.07
N THR C 188 11.78 32.15 10.41
CA THR C 188 12.18 33.45 10.93
C THR C 188 10.93 34.26 11.26
N VAL C 189 10.86 34.74 12.50
CA VAL C 189 9.70 35.53 12.97
C VAL C 189 10.20 36.80 13.67
N PRO C 190 9.32 37.80 13.87
CA PRO C 190 9.73 39.04 14.56
C PRO C 190 10.17 38.64 15.96
N SER C 191 11.32 39.11 16.44
CA SER C 191 11.76 38.71 17.77
C SER C 191 10.84 39.13 18.93
N SER C 192 10.02 40.17 18.72
CA SER C 192 9.10 40.60 19.76
C SER C 192 7.96 39.58 19.91
N THR C 193 7.86 38.63 18.98
CA THR C 193 6.75 37.65 19.03
C THR C 193 7.10 36.27 19.63
N TRP C 194 8.35 36.08 20.01
CA TRP C 194 8.76 34.82 20.59
C TRP C 194 9.55 35.14 21.85
N PRO C 195 9.33 34.38 22.93
CA PRO C 195 8.40 33.25 23.03
C PRO C 195 6.93 33.47 23.33
N SER C 196 6.47 34.71 23.36
CA SER C 196 5.05 34.93 23.70
C SER C 196 4.13 34.16 22.74
N GLN C 197 4.47 34.17 21.45
CA GLN C 197 3.66 33.45 20.47
C GLN C 197 4.46 32.18 20.18
N THR C 198 3.83 31.01 20.36
CA THR C 198 4.54 29.74 20.19
C THR C 198 5.05 29.44 18.77
N VAL C 199 6.11 28.63 18.69
CA VAL C 199 6.68 28.24 17.39
C VAL C 199 6.94 26.75 17.56
N THR C 200 6.30 25.93 16.73
CA THR C 200 6.41 24.49 16.86
C THR C 200 6.57 23.87 15.49
N CYS C 201 7.54 22.97 15.33
CA CYS C 201 7.68 22.30 14.02
C CYS C 201 6.91 20.99 14.12
N ASN C 202 6.28 20.61 13.03
CA ASN C 202 5.51 19.35 12.99
C ASN C 202 6.24 18.47 11.99
N VAL C 203 6.78 17.36 12.45
CA VAL C 203 7.56 16.48 11.60
C VAL C 203 6.89 15.13 11.33
N ALA C 204 6.76 14.77 10.07
CA ALA C 204 6.13 13.52 9.71
C ALA C 204 7.10 12.68 8.90
N HIS C 205 7.21 11.41 9.27
CA HIS C 205 8.03 10.45 8.55
C HIS C 205 7.02 9.35 8.23
N PRO C 206 6.36 9.46 7.07
CA PRO C 206 5.35 8.47 6.67
C PRO C 206 5.79 7.00 6.65
N ALA C 207 7.04 6.72 6.27
CA ALA C 207 7.53 5.33 6.22
C ALA C 207 7.47 4.64 7.58
N SER C 208 7.69 5.38 8.66
CA SER C 208 7.62 4.79 10.00
C SER C 208 6.31 5.21 10.69
N SER C 209 5.41 5.83 9.93
CA SER C 209 4.16 6.34 10.46
C SER C 209 4.36 7.16 11.72
N THR C 210 5.39 7.98 11.72
CA THR C 210 5.64 8.83 12.87
C THR C 210 5.26 10.29 12.60
N LYS C 211 4.73 10.94 13.63
CA LYS C 211 4.35 12.35 13.57
C LYS C 211 4.84 12.95 14.88
N VAL C 212 5.66 13.99 14.80
CA VAL C 212 6.17 14.57 16.03
C VAL C 212 6.14 16.09 16.01
N ASP C 213 5.88 16.67 17.17
CA ASP C 213 5.87 18.13 17.28
C ASP C 213 7.01 18.50 18.22
N LYS C 214 7.71 19.58 17.92
CA LYS C 214 8.76 20.02 18.80
C LYS C 214 8.54 21.51 18.99
N LYS C 215 8.09 21.90 20.18
CA LYS C 215 7.88 23.30 20.47
C LYS C 215 9.24 23.92 20.76
N ILE C 216 9.53 25.05 20.12
CA ILE C 216 10.83 25.70 20.32
C ILE C 216 10.74 26.71 21.47
N VAL C 217 11.48 26.48 22.55
CA VAL C 217 11.49 27.37 23.70
C VAL C 217 12.88 27.96 23.96
N PRO C 218 12.93 29.12 24.64
CA PRO C 218 14.22 29.74 24.92
C PRO C 218 15.11 28.81 25.71
N ARG C 219 16.41 28.86 25.45
CA ARG C 219 17.33 28.02 26.21
C ARG C 219 17.49 28.63 27.59
N ASN D 15 14.76 5.31 55.39
CA ASN D 15 13.88 6.50 55.42
C ASN D 15 12.45 6.12 55.01
N MET D 16 12.05 6.59 53.83
CA MET D 16 10.74 6.29 53.26
C MET D 16 10.98 5.07 52.40
N LEU D 17 12.24 4.91 52.01
CA LEU D 17 12.64 3.78 51.19
C LEU D 17 12.45 2.49 51.96
N ARG D 18 12.41 2.59 53.29
CA ARG D 18 12.23 1.38 54.09
C ARG D 18 10.79 0.91 54.01
N ASP D 19 9.87 1.87 53.90
CA ASP D 19 8.46 1.54 53.80
C ASP D 19 8.16 0.95 52.42
N LEU D 20 8.77 1.51 51.39
CA LEU D 20 8.59 1.01 50.04
C LEU D 20 9.32 -0.33 49.96
N ARG D 21 10.45 -0.44 50.68
CA ARG D 21 11.24 -1.67 50.70
C ARG D 21 10.53 -2.77 51.49
N ASP D 22 9.68 -2.36 52.43
CA ASP D 22 8.93 -3.32 53.25
C ASP D 22 7.82 -3.91 52.39
N ALA D 23 7.15 -3.03 51.67
CA ALA D 23 6.06 -3.43 50.80
C ALA D 23 6.58 -4.41 49.75
N PHE D 24 7.72 -4.07 49.13
CA PHE D 24 8.29 -4.94 48.10
C PHE D 24 8.57 -6.34 48.59
N SER D 25 9.15 -6.46 49.78
CA SER D 25 9.47 -7.76 50.34
C SER D 25 8.26 -8.69 50.41
N ARG D 26 7.05 -8.11 50.43
CA ARG D 26 5.82 -8.91 50.50
C ARG D 26 5.44 -9.57 49.17
N VAL D 27 6.05 -9.13 48.08
CA VAL D 27 5.73 -9.68 46.76
C VAL D 27 6.92 -10.29 46.05
N LYS D 28 8.11 -10.09 46.62
CA LYS D 28 9.35 -10.62 46.03
C LYS D 28 9.25 -12.08 45.56
N THR D 29 9.00 -12.97 46.50
CA THR D 29 8.91 -14.39 46.18
C THR D 29 7.96 -14.74 45.04
N PHE D 30 6.78 -14.15 45.03
CA PHE D 30 5.82 -14.44 43.97
C PHE D 30 6.36 -14.16 42.56
N PHE D 31 7.00 -13.01 42.36
CA PHE D 31 7.52 -12.63 41.04
C PHE D 31 8.90 -13.13 40.68
N GLN D 32 9.72 -13.41 41.69
CA GLN D 32 11.07 -13.90 41.40
C GLN D 32 11.01 -15.09 40.44
N MET D 33 11.86 -15.07 39.41
CA MET D 33 11.90 -16.17 38.44
C MET D 33 13.36 -16.61 38.35
N LYS D 34 13.60 -17.84 37.92
CA LYS D 34 14.97 -18.31 37.83
C LYS D 34 15.39 -19.04 36.56
N ASP D 35 16.65 -19.47 36.56
CA ASP D 35 17.26 -20.19 35.46
C ASP D 35 17.39 -19.31 34.23
N GLN D 36 16.68 -18.19 34.24
CA GLN D 36 16.77 -17.24 33.16
C GLN D 36 18.15 -16.61 33.36
N LEU D 37 18.96 -16.64 32.32
CA LEU D 37 20.29 -16.07 32.44
C LEU D 37 20.17 -14.55 32.59
N ASP D 38 19.68 -14.14 33.76
CA ASP D 38 19.52 -12.74 34.23
C ASP D 38 19.59 -11.49 33.28
N ASN D 39 18.62 -11.35 32.37
CA ASN D 39 18.59 -10.15 31.46
C ASN D 39 17.87 -8.92 32.06
N LEU D 40 18.58 -8.20 32.92
CA LEU D 40 18.04 -7.02 33.56
C LEU D 40 17.25 -6.13 32.64
N LEU D 41 16.13 -5.65 33.17
CA LEU D 41 15.29 -4.74 32.44
C LEU D 41 15.87 -3.39 32.88
N LEU D 42 16.15 -3.28 34.18
CA LEU D 42 16.69 -2.07 34.76
C LEU D 42 18.20 -2.20 34.78
N LYS D 43 18.85 -1.73 33.72
CA LYS D 43 20.29 -1.85 33.60
C LYS D 43 21.11 -0.63 33.98
N GLU D 44 22.42 -0.80 33.84
CA GLU D 44 23.43 0.22 34.13
C GLU D 44 22.98 1.58 33.62
N SER D 45 22.87 1.68 32.30
CA SER D 45 22.49 2.89 31.60
C SER D 45 21.30 3.66 32.16
N LEU D 46 20.34 2.96 32.78
CA LEU D 46 19.19 3.67 33.33
C LEU D 46 19.67 4.54 34.49
N LEU D 47 20.47 3.94 35.36
CA LEU D 47 21.01 4.65 36.50
C LEU D 47 21.74 5.90 36.01
N GLU D 48 22.62 5.72 35.03
CA GLU D 48 23.36 6.84 34.46
C GLU D 48 22.42 7.91 33.92
N ASP D 49 21.29 7.49 33.36
CA ASP D 49 20.33 8.43 32.82
C ASP D 49 19.73 9.26 33.95
N PHE D 50 19.54 8.63 35.12
CA PHE D 50 18.98 9.35 36.27
C PHE D 50 19.92 10.48 36.67
N LYS D 51 21.21 10.28 36.41
CA LYS D 51 22.24 11.26 36.77
C LYS D 51 22.53 12.30 35.70
N GLY D 52 22.07 12.06 34.47
CA GLY D 52 22.29 12.99 33.38
C GLY D 52 21.62 14.35 33.55
N TYR D 53 21.85 15.23 32.58
CA TYR D 53 21.28 16.58 32.60
C TYR D 53 19.76 16.58 32.72
N LEU D 54 19.13 15.50 32.27
CA LEU D 54 17.68 15.40 32.34
C LEU D 54 17.26 14.18 33.18
N GLY D 55 18.07 13.87 34.19
CA GLY D 55 17.78 12.74 35.05
C GLY D 55 16.50 12.84 35.85
N CYS D 56 16.05 14.07 36.09
CA CYS D 56 14.82 14.29 36.84
C CYS D 56 13.66 13.71 36.03
N GLN D 57 13.62 14.08 34.76
CA GLN D 57 12.59 13.62 33.85
C GLN D 57 12.63 12.10 33.72
N ALA D 58 13.83 11.55 33.66
CA ALA D 58 13.98 10.11 33.55
C ALA D 58 13.29 9.41 34.73
N LEU D 59 13.63 9.85 35.94
CA LEU D 59 13.06 9.28 37.16
C LEU D 59 11.55 9.45 37.23
N SER D 60 11.08 10.63 36.82
CA SER D 60 9.65 10.91 36.83
C SER D 60 8.91 9.95 35.90
N GLU D 61 9.52 9.68 34.75
CA GLU D 61 8.94 8.79 33.75
C GLU D 61 8.87 7.37 34.30
N MET D 62 9.95 6.93 34.93
CA MET D 62 10.01 5.59 35.52
C MET D 62 8.96 5.36 36.59
N ILE D 63 8.74 6.37 37.43
CA ILE D 63 7.73 6.25 38.47
C ILE D 63 6.36 6.12 37.83
N GLN D 64 6.11 6.98 36.84
CA GLN D 64 4.83 6.95 36.15
C GLN D 64 4.66 5.57 35.51
N PHE D 65 5.72 5.10 34.87
CA PHE D 65 5.70 3.79 34.22
C PHE D 65 5.32 2.64 35.14
N TYR D 66 5.97 2.53 36.30
CA TYR D 66 5.61 1.44 37.21
C TYR D 66 4.19 1.58 37.73
N LEU D 67 3.80 2.80 38.04
CA LEU D 67 2.47 3.04 38.57
C LEU D 67 1.32 2.80 37.59
N GLU D 68 1.44 3.34 36.39
CA GLU D 68 0.40 3.22 35.40
C GLU D 68 0.45 2.00 34.47
N GLU D 69 1.66 1.52 34.16
CA GLU D 69 1.80 0.40 33.23
C GLU D 69 2.20 -0.95 33.83
N VAL D 70 3.13 -0.96 34.78
CA VAL D 70 3.58 -2.22 35.35
C VAL D 70 2.71 -2.83 36.45
N MET D 71 2.44 -2.06 37.49
CA MET D 71 1.68 -2.57 38.63
C MET D 71 0.24 -3.03 38.39
N PRO D 72 -0.52 -2.30 37.57
CA PRO D 72 -1.89 -2.78 37.36
C PRO D 72 -1.87 -4.16 36.67
N GLN D 73 -0.91 -4.39 35.79
CA GLN D 73 -0.84 -5.70 35.13
C GLN D 73 -0.39 -6.78 36.12
N ALA D 74 0.52 -6.41 37.01
CA ALA D 74 1.01 -7.36 38.02
C ALA D 74 -0.08 -7.83 38.97
N GLU D 75 -1.01 -6.93 39.32
CA GLU D 75 -2.11 -7.27 40.22
C GLU D 75 -3.01 -8.39 39.69
N ASN D 76 -3.09 -8.49 38.37
CA ASN D 76 -3.93 -9.48 37.70
C ASN D 76 -3.27 -10.82 37.44
N GLN D 77 -2.06 -11.01 37.93
CA GLN D 77 -1.37 -12.27 37.72
C GLN D 77 -1.91 -13.34 38.67
N ASP D 78 -2.37 -12.91 39.85
CA ASP D 78 -2.91 -13.83 40.85
C ASP D 78 -3.71 -13.04 41.89
N PRO D 79 -4.87 -13.56 42.29
CA PRO D 79 -5.74 -12.90 43.28
C PRO D 79 -5.02 -12.67 44.60
N ASP D 80 -4.22 -13.65 45.02
CA ASP D 80 -3.49 -13.57 46.28
C ASP D 80 -2.42 -12.48 46.33
N ILE D 81 -1.90 -12.10 45.17
CA ILE D 81 -0.84 -11.10 45.15
C ILE D 81 -1.32 -9.67 44.94
N LYS D 82 -2.58 -9.54 44.55
CA LYS D 82 -3.20 -8.25 44.25
C LYS D 82 -3.07 -7.18 45.33
N ALA D 83 -3.44 -7.53 46.57
CA ALA D 83 -3.37 -6.55 47.66
C ALA D 83 -1.95 -6.02 47.93
N HIS D 84 -1.00 -6.95 47.99
CA HIS D 84 0.40 -6.62 48.23
C HIS D 84 0.96 -5.78 47.09
N VAL D 85 0.49 -6.04 45.87
CA VAL D 85 0.98 -5.27 44.73
C VAL D 85 0.40 -3.86 44.85
N ASN D 86 -0.89 -3.77 45.15
CA ASN D 86 -1.54 -2.48 45.28
C ASN D 86 -0.89 -1.68 46.40
N SER D 87 -0.43 -2.40 47.43
CA SER D 87 0.21 -1.78 48.57
C SER D 87 1.49 -1.11 48.12
N LEU D 88 2.39 -1.90 47.51
CA LEU D 88 3.66 -1.39 47.01
C LEU D 88 3.37 -0.11 46.20
N GLY D 89 2.35 -0.19 45.36
CA GLY D 89 1.98 0.96 44.56
C GLY D 89 1.75 2.20 45.41
N GLU D 90 0.85 2.11 46.38
CA GLU D 90 0.55 3.24 47.24
C GLU D 90 1.80 3.79 47.93
N ASN D 91 2.72 2.91 48.30
CA ASN D 91 3.95 3.35 48.94
C ASN D 91 4.76 4.17 47.95
N LEU D 92 4.74 3.75 46.69
CA LEU D 92 5.47 4.45 45.64
C LEU D 92 4.80 5.83 45.45
N LYS D 93 3.48 5.84 45.40
CA LYS D 93 2.75 7.10 45.24
C LYS D 93 3.15 8.05 46.37
N THR D 94 3.19 7.51 47.58
CA THR D 94 3.57 8.30 48.74
C THR D 94 4.98 8.81 48.56
N LEU D 95 5.91 7.88 48.32
CA LEU D 95 7.30 8.24 48.13
C LEU D 95 7.54 9.39 47.16
N ARG D 96 6.78 9.46 46.08
CA ARG D 96 6.98 10.55 45.13
C ARG D 96 6.39 11.88 45.61
N LEU D 97 5.49 11.81 46.59
CA LEU D 97 4.92 13.03 47.15
C LEU D 97 6.01 13.62 48.02
N ARG D 98 6.71 12.74 48.73
CA ARG D 98 7.80 13.14 49.61
C ARG D 98 8.80 13.94 48.79
N LEU D 99 8.92 13.60 47.51
CA LEU D 99 9.85 14.29 46.62
C LEU D 99 9.22 15.43 45.85
N ARG D 100 8.07 15.16 45.22
CA ARG D 100 7.35 16.15 44.44
C ARG D 100 7.16 17.43 45.22
N ARG D 101 6.03 17.52 45.94
CA ARG D 101 5.70 18.69 46.73
C ARG D 101 6.67 18.85 47.90
N CYS D 102 7.93 19.15 47.58
CA CYS D 102 8.93 19.34 48.63
C CYS D 102 10.31 19.74 48.11
N HIS D 103 11.33 19.10 48.67
CA HIS D 103 12.73 19.37 48.33
C HIS D 103 13.13 19.46 46.86
N ARG D 104 14.43 19.38 46.63
CA ARG D 104 15.05 19.48 45.32
C ARG D 104 15.14 18.15 44.56
N PHE D 105 14.25 17.21 44.85
CA PHE D 105 14.34 15.92 44.17
C PHE D 105 13.51 15.73 42.90
N LEU D 106 12.44 16.51 42.74
CA LEU D 106 11.62 16.40 41.54
C LEU D 106 11.19 17.77 41.01
N PRO D 107 12.16 18.60 40.59
CA PRO D 107 11.93 19.96 40.06
C PRO D 107 11.45 20.01 38.61
N CYS D 108 11.16 18.86 38.01
CA CYS D 108 10.71 18.82 36.61
C CYS D 108 9.23 18.46 36.45
N GLU D 109 8.85 18.13 35.22
CA GLU D 109 7.46 17.76 34.89
C GLU D 109 7.23 16.25 34.81
N LYS D 117 10.98 13.30 27.10
CA LYS D 117 11.12 11.84 26.97
C LYS D 117 12.58 11.38 26.97
N SER D 118 12.90 10.49 27.90
CA SER D 118 14.25 9.96 28.02
C SER D 118 14.51 8.82 27.05
N LYS D 119 15.73 8.76 26.53
CA LYS D 119 16.10 7.71 25.60
C LYS D 119 16.24 6.42 26.39
N ALA D 120 16.82 6.51 27.57
CA ALA D 120 17.03 5.34 28.42
C ALA D 120 15.73 4.70 28.90
N VAL D 121 14.74 5.53 29.18
CA VAL D 121 13.46 5.03 29.64
C VAL D 121 12.72 4.36 28.49
N GLU D 122 12.73 5.01 27.32
CA GLU D 122 12.06 4.46 26.14
C GLU D 122 12.62 3.08 25.86
N GLN D 123 13.91 2.90 26.12
CA GLN D 123 14.56 1.62 25.89
C GLN D 123 14.03 0.55 26.84
N VAL D 124 13.74 0.96 28.06
CA VAL D 124 13.20 0.05 29.06
C VAL D 124 11.76 -0.31 28.70
N LYS D 125 10.97 0.70 28.34
CA LYS D 125 9.58 0.48 27.97
C LYS D 125 9.47 -0.45 26.77
N ASN D 126 10.32 -0.27 25.77
CA ASN D 126 10.27 -1.13 24.59
C ASN D 126 10.75 -2.55 24.94
N ALA D 127 11.67 -2.65 25.89
CA ALA D 127 12.20 -3.96 26.31
C ALA D 127 11.10 -4.71 27.05
N PHE D 128 10.39 -3.99 27.90
CA PHE D 128 9.29 -4.55 28.67
C PHE D 128 8.16 -5.02 27.75
N ASN D 129 7.80 -4.20 26.76
CA ASN D 129 6.72 -4.52 25.82
C ASN D 129 7.03 -5.85 25.16
N LYS D 130 8.26 -5.96 24.68
CA LYS D 130 8.75 -7.14 24.01
C LYS D 130 8.74 -8.37 24.93
N LEU D 131 8.89 -8.18 26.25
CA LEU D 131 8.88 -9.30 27.17
C LEU D 131 7.46 -9.79 27.49
N GLN D 132 6.50 -8.92 27.18
CA GLN D 132 5.08 -9.18 27.40
C GLN D 132 4.83 -9.63 28.83
N GLU D 133 4.15 -10.75 29.04
CA GLU D 133 3.86 -11.14 30.42
C GLU D 133 5.07 -11.53 31.27
N LYS D 134 6.11 -12.04 30.65
CA LYS D 134 7.33 -12.36 31.39
C LYS D 134 7.91 -11.03 31.86
N GLY D 135 7.67 -9.98 31.08
CA GLY D 135 8.14 -8.65 31.41
C GLY D 135 7.50 -8.10 32.68
N ILE D 136 6.26 -8.51 32.94
CA ILE D 136 5.56 -8.09 34.16
C ILE D 136 6.27 -8.68 35.37
N TYR D 137 6.59 -9.97 35.27
CA TYR D 137 7.29 -10.64 36.36
C TYR D 137 8.68 -10.07 36.55
N LYS D 138 9.36 -9.83 35.45
CA LYS D 138 10.70 -9.29 35.54
C LYS D 138 10.75 -7.88 36.12
N ALA D 139 9.87 -6.99 35.66
CA ALA D 139 9.88 -5.63 36.18
C ALA D 139 9.51 -5.60 37.66
N MET D 140 8.70 -6.55 38.09
CA MET D 140 8.31 -6.59 39.49
C MET D 140 9.44 -7.14 40.34
N SER D 141 10.06 -8.22 39.89
CA SER D 141 11.14 -8.81 40.65
C SER D 141 12.27 -7.80 40.83
N GLU D 142 12.57 -7.04 39.78
CA GLU D 142 13.63 -6.06 39.84
C GLU D 142 13.25 -4.74 40.55
N PHE D 143 12.09 -4.70 41.22
CA PHE D 143 11.69 -3.45 41.86
C PHE D 143 12.65 -2.91 42.93
N ASP D 144 13.33 -3.81 43.63
CA ASP D 144 14.26 -3.34 44.65
C ASP D 144 15.43 -2.62 44.01
N ILE D 145 15.81 -3.04 42.81
CA ILE D 145 16.91 -2.39 42.09
C ILE D 145 16.43 -1.00 41.73
N PHE D 146 15.14 -0.89 41.40
CA PHE D 146 14.56 0.39 41.05
C PHE D 146 14.66 1.35 42.23
N ILE D 147 14.35 0.83 43.42
CA ILE D 147 14.43 1.63 44.64
C ILE D 147 15.84 2.21 44.80
N ASN D 148 16.83 1.34 44.67
CA ASN D 148 18.22 1.73 44.78
C ASN D 148 18.49 2.94 43.89
N TYR D 149 18.02 2.87 42.66
CA TYR D 149 18.23 3.95 41.72
C TYR D 149 17.63 5.25 42.26
N ILE D 150 16.49 5.13 42.94
CA ILE D 150 15.87 6.30 43.54
C ILE D 150 16.85 6.79 44.59
N GLU D 151 17.30 5.85 45.41
CA GLU D 151 18.26 6.11 46.48
C GLU D 151 19.42 6.96 45.94
N ALA D 152 20.20 6.36 45.06
CA ALA D 152 21.35 7.04 44.47
C ALA D 152 20.97 8.41 43.89
N TYR D 153 19.75 8.53 43.38
CA TYR D 153 19.31 9.79 42.80
C TYR D 153 19.23 10.88 43.87
N MET D 154 18.70 10.50 45.02
CA MET D 154 18.58 11.43 46.15
C MET D 154 20.00 11.71 46.64
N THR D 155 20.82 10.67 46.65
CA THR D 155 22.22 10.77 47.07
C THR D 155 22.98 11.68 46.11
N MET D 156 22.22 12.43 45.30
CA MET D 156 22.81 13.36 44.34
C MET D 156 22.37 14.78 44.66
N LYS D 157 21.30 14.87 45.46
CA LYS D 157 20.78 16.16 45.87
C LYS D 157 21.30 16.54 47.25
N ASP E 1 10.38 -14.17 17.61
CA ASP E 1 9.00 -14.26 18.16
C ASP E 1 8.67 -15.73 18.40
N THR E 2 7.69 -16.00 19.24
CA THR E 2 7.28 -17.37 19.51
C THR E 2 6.37 -17.92 18.42
N VAL E 3 6.80 -18.99 17.76
CA VAL E 3 5.97 -19.60 16.71
C VAL E 3 5.22 -20.75 17.37
N LEU E 4 3.92 -20.88 17.07
CA LEU E 4 3.09 -21.96 17.61
C LEU E 4 2.72 -22.86 16.44
N THR E 5 2.91 -24.16 16.63
CA THR E 5 2.65 -25.13 15.58
C THR E 5 1.59 -26.09 16.04
N GLN E 6 0.51 -26.16 15.30
CA GLN E 6 -0.60 -27.07 15.59
C GLN E 6 -0.99 -27.74 14.27
N PRO E 7 -1.54 -28.96 14.34
CA PRO E 7 -1.90 -29.62 13.08
C PRO E 7 -2.99 -28.89 12.32
N PRO E 8 -2.89 -28.89 10.98
CA PRO E 8 -3.91 -28.19 10.19
C PRO E 8 -5.30 -28.82 10.18
N ALA E 9 -5.38 -30.14 10.33
CA ALA E 9 -6.70 -30.77 10.25
C ALA E 9 -6.81 -32.14 10.91
N LEU E 10 -7.96 -32.40 11.52
CA LEU E 10 -8.28 -33.66 12.15
C LEU E 10 -9.74 -33.99 11.86
N THR E 11 -10.03 -35.26 11.67
CA THR E 11 -11.40 -35.69 11.46
C THR E 11 -11.68 -36.66 12.59
N VAL E 12 -12.76 -36.41 13.31
CA VAL E 12 -13.11 -37.23 14.46
C VAL E 12 -14.60 -37.57 14.44
N SER E 13 -14.94 -38.76 14.97
CA SER E 13 -16.34 -39.20 15.01
C SER E 13 -16.98 -38.70 16.31
N PRO E 14 -18.28 -38.36 16.26
CA PRO E 14 -18.99 -37.88 17.44
C PRO E 14 -18.85 -38.93 18.53
N GLY E 15 -18.75 -38.46 19.77
CA GLY E 15 -18.64 -39.38 20.88
C GLY E 15 -17.23 -39.74 21.23
N GLU E 16 -16.30 -39.51 20.31
CA GLU E 16 -14.93 -39.85 20.62
C GLU E 16 -14.13 -38.72 21.23
N LYS E 17 -12.82 -38.93 21.28
CA LYS E 17 -11.93 -37.96 21.86
C LYS E 17 -11.09 -37.28 20.82
N LEU E 18 -11.02 -35.97 20.91
CA LEU E 18 -10.19 -35.21 19.99
C LEU E 18 -9.04 -34.58 20.80
N THR E 19 -7.82 -34.69 20.28
CA THR E 19 -6.67 -34.13 20.94
C THR E 19 -5.88 -33.27 19.99
N ILE E 20 -5.74 -31.99 20.33
CA ILE E 20 -5.00 -31.07 19.47
C ILE E 20 -3.76 -30.60 20.17
N SER E 21 -2.62 -30.84 19.56
CA SER E 21 -1.40 -30.40 20.18
C SER E 21 -0.97 -29.03 19.65
N CYS E 22 -0.28 -28.27 20.49
CA CYS E 22 0.25 -26.97 20.08
C CYS E 22 1.61 -26.89 20.74
N LYS E 23 2.62 -26.74 19.90
CA LYS E 23 4.02 -26.69 20.28
C LYS E 23 4.52 -25.27 20.08
N ALA E 24 5.21 -24.75 21.07
CA ALA E 24 5.75 -23.40 20.99
C ALA E 24 7.24 -23.47 20.73
N SER E 25 7.75 -22.55 19.90
CA SER E 25 9.16 -22.51 19.53
C SER E 25 10.07 -22.19 20.73
N GLU E 26 9.49 -21.64 21.79
CA GLU E 26 10.24 -21.32 23.00
C GLU E 26 9.25 -21.43 24.16
N SER E 27 9.75 -21.50 25.40
CA SER E 27 8.85 -21.63 26.54
C SER E 27 7.89 -20.46 26.73
N VAL E 28 6.65 -20.79 27.05
CA VAL E 28 5.61 -19.79 27.33
C VAL E 28 5.05 -20.07 28.75
N THR E 29 5.82 -20.85 29.51
CA THR E 29 5.44 -21.31 30.86
C THR E 29 4.00 -21.85 30.85
N SER E 30 3.02 -21.14 31.41
CA SER E 30 1.64 -21.66 31.42
C SER E 30 0.71 -20.79 30.56
N ARG E 31 1.27 -19.83 29.88
CA ARG E 31 0.45 -18.88 29.15
C ARG E 31 0.02 -19.28 27.75
N MET E 32 -0.63 -20.44 27.65
CA MET E 32 -1.16 -20.93 26.37
C MET E 32 -2.68 -20.93 26.50
N HIS E 33 -3.35 -20.36 25.51
CA HIS E 33 -4.80 -20.24 25.52
C HIS E 33 -5.37 -20.83 24.23
N TRP E 34 -6.65 -21.15 24.25
CA TRP E 34 -7.29 -21.76 23.10
C TRP E 34 -8.60 -21.10 22.72
N TYR E 35 -8.85 -20.98 21.42
CA TYR E 35 -10.08 -20.39 20.92
C TYR E 35 -10.77 -21.32 19.94
N GLN E 36 -12.08 -21.19 19.86
CA GLN E 36 -12.89 -21.93 18.90
C GLN E 36 -13.50 -20.89 17.95
N GLN E 37 -13.39 -21.07 16.63
CA GLN E 37 -14.03 -20.13 15.70
C GLN E 37 -14.88 -20.90 14.68
N LYS E 38 -16.20 -20.75 14.82
CA LYS E 38 -17.15 -21.42 13.95
C LYS E 38 -17.33 -20.53 12.75
N PRO E 39 -17.70 -21.11 11.60
CA PRO E 39 -17.90 -20.42 10.33
C PRO E 39 -18.75 -19.15 10.49
N GLY E 40 -18.28 -18.05 9.92
CA GLY E 40 -19.02 -16.80 10.02
C GLY E 40 -18.99 -16.11 11.38
N GLN E 41 -18.37 -16.75 12.37
CA GLN E 41 -18.28 -16.17 13.71
C GLN E 41 -16.88 -15.69 14.10
N GLN E 42 -16.82 -14.95 15.19
CA GLN E 42 -15.55 -14.46 15.74
C GLN E 42 -15.08 -15.56 16.69
N PRO E 43 -13.75 -15.59 16.98
CA PRO E 43 -13.22 -16.62 17.89
C PRO E 43 -13.80 -16.48 19.28
N LYS E 44 -13.99 -17.62 19.95
CA LYS E 44 -14.50 -17.63 21.30
C LYS E 44 -13.46 -18.31 22.20
N LEU E 45 -13.19 -17.70 23.35
CA LEU E 45 -12.21 -18.26 24.27
C LEU E 45 -12.73 -19.54 24.93
N LEU E 46 -11.93 -20.59 24.89
CA LEU E 46 -12.28 -21.87 25.47
C LEU E 46 -11.48 -22.23 26.73
N ILE E 47 -10.18 -22.00 26.66
CA ILE E 47 -9.24 -22.36 27.71
C ILE E 47 -8.21 -21.26 27.85
N TYR E 48 -7.89 -20.89 29.09
CA TYR E 48 -6.86 -19.88 29.30
C TYR E 48 -5.84 -20.44 30.30
N LYS E 49 -4.61 -19.96 30.19
CA LYS E 49 -3.53 -20.42 31.02
C LYS E 49 -3.46 -21.94 31.08
N ALA E 50 -3.39 -22.53 29.90
CA ALA E 50 -3.26 -23.97 29.67
C ALA E 50 -4.38 -24.92 30.06
N SER E 51 -5.01 -24.70 31.22
CA SER E 51 -6.03 -25.65 31.65
C SER E 51 -7.26 -25.07 32.33
N ASN E 52 -7.46 -23.77 32.25
CA ASN E 52 -8.64 -23.22 32.90
C ASN E 52 -9.77 -23.04 31.90
N LEU E 53 -10.94 -23.57 32.25
CA LEU E 53 -12.10 -23.48 31.40
C LEU E 53 -12.69 -22.08 31.48
N ALA E 54 -12.94 -21.44 30.34
CA ALA E 54 -13.53 -20.10 30.35
C ALA E 54 -14.96 -20.31 30.80
N SER E 55 -15.54 -19.26 31.37
CA SER E 55 -16.91 -19.37 31.87
C SER E 55 -17.87 -19.62 30.73
N GLY E 56 -18.81 -20.53 30.97
CA GLY E 56 -19.80 -20.82 29.94
C GLY E 56 -19.39 -21.86 28.92
N VAL E 57 -18.25 -22.52 29.17
CA VAL E 57 -17.78 -23.55 28.25
C VAL E 57 -17.94 -24.91 28.94
N PRO E 58 -18.53 -25.88 28.24
CA PRO E 58 -18.79 -27.24 28.72
C PRO E 58 -17.56 -28.00 29.20
N ALA E 59 -17.75 -28.89 30.18
CA ALA E 59 -16.67 -29.68 30.72
C ALA E 59 -16.11 -30.69 29.72
N ARG E 60 -16.72 -30.75 28.54
CA ARG E 60 -16.25 -31.65 27.48
C ARG E 60 -14.88 -31.16 27.07
N PHE E 61 -14.66 -29.87 27.31
CA PHE E 61 -13.42 -29.20 26.94
C PHE E 61 -12.44 -29.12 28.09
N SER E 62 -11.18 -29.43 27.79
CA SER E 62 -10.13 -29.37 28.79
C SER E 62 -8.81 -29.13 28.07
N GLY E 63 -7.78 -28.78 28.83
CA GLY E 63 -6.49 -28.56 28.22
C GLY E 63 -5.38 -28.80 29.21
N SER E 64 -4.16 -29.02 28.73
CA SER E 64 -3.02 -29.22 29.62
C SER E 64 -1.65 -28.98 28.99
N GLY E 65 -0.61 -29.04 29.83
CA GLY E 65 0.73 -28.84 29.33
C GLY E 65 1.41 -27.66 29.96
N SER E 66 2.68 -27.47 29.60
CA SER E 66 3.47 -26.38 30.15
C SER E 66 4.72 -26.21 29.32
N GLY E 67 5.42 -25.10 29.52
CA GLY E 67 6.63 -24.85 28.76
C GLY E 67 6.37 -24.66 27.29
N THR E 68 6.70 -25.66 26.46
CA THR E 68 6.50 -25.58 25.02
C THR E 68 5.49 -26.58 24.42
N ASP E 69 5.01 -27.51 25.23
CA ASP E 69 4.10 -28.55 24.74
C ASP E 69 2.72 -28.53 25.39
N PHE E 70 1.69 -28.30 24.59
CA PHE E 70 0.32 -28.23 25.12
C PHE E 70 -0.69 -28.98 24.30
N THR E 71 -1.84 -29.22 24.89
CA THR E 71 -2.89 -29.91 24.17
C THR E 71 -4.26 -29.40 24.59
N LEU E 72 -5.20 -29.45 23.65
CA LEU E 72 -6.58 -29.08 23.92
C LEU E 72 -7.27 -30.42 23.66
N THR E 73 -8.18 -30.80 24.54
CA THR E 73 -8.87 -32.06 24.35
C THR E 73 -10.37 -31.89 24.43
N ILE E 74 -11.08 -32.44 23.44
CA ILE E 74 -12.53 -32.40 23.45
C ILE E 74 -12.94 -33.85 23.56
N ASP E 75 -13.72 -34.16 24.58
CA ASP E 75 -14.12 -35.53 24.82
C ASP E 75 -15.35 -35.53 25.74
N PRO E 76 -16.52 -35.91 25.19
CA PRO E 76 -16.71 -36.33 23.80
C PRO E 76 -17.01 -35.18 22.84
N VAL E 77 -16.58 -35.33 21.60
CA VAL E 77 -16.83 -34.31 20.59
C VAL E 77 -18.26 -34.49 20.08
N GLU E 78 -18.87 -33.41 19.59
CA GLU E 78 -20.22 -33.48 19.04
C GLU E 78 -20.29 -32.71 17.71
N ALA E 79 -21.35 -32.95 16.94
CA ALA E 79 -21.51 -32.31 15.62
C ALA E 79 -21.24 -30.81 15.62
N ASP E 80 -21.75 -30.16 16.67
CA ASP E 80 -21.63 -28.72 16.85
C ASP E 80 -20.19 -28.23 17.02
N ASP E 81 -19.26 -29.15 17.22
CA ASP E 81 -17.87 -28.77 17.39
C ASP E 81 -17.08 -28.51 16.11
N THR E 82 -17.69 -28.72 14.96
CA THR E 82 -16.97 -28.46 13.71
C THR E 82 -16.62 -26.98 13.72
N ALA E 83 -15.33 -26.68 13.57
CA ALA E 83 -14.83 -25.30 13.63
C ALA E 83 -13.32 -25.37 13.49
N ILE E 84 -12.69 -24.20 13.63
CA ILE E 84 -11.25 -24.10 13.59
C ILE E 84 -10.84 -23.72 15.01
N TYR E 85 -9.85 -24.42 15.52
CA TYR E 85 -9.35 -24.16 16.88
C TYR E 85 -7.95 -23.57 16.80
N PHE E 86 -7.72 -22.51 17.56
CA PHE E 86 -6.43 -21.84 17.59
C PHE E 86 -5.81 -21.82 18.98
N CYS E 87 -4.51 -22.03 19.05
CA CYS E 87 -3.83 -21.86 20.34
C CYS E 87 -3.23 -20.45 20.26
N GLN E 88 -2.95 -19.85 21.42
CA GLN E 88 -2.38 -18.51 21.45
C GLN E 88 -1.56 -18.36 22.73
N GLN E 89 -0.40 -17.74 22.63
CA GLN E 89 0.45 -17.57 23.80
C GLN E 89 0.57 -16.10 24.20
N SER E 90 0.76 -15.85 25.50
CA SER E 90 0.90 -14.49 25.98
C SER E 90 2.14 -14.24 26.84
N TRP E 91 3.00 -15.25 27.00
CA TRP E 91 4.22 -15.10 27.80
C TRP E 91 5.27 -14.22 27.13
N ASN E 92 5.40 -14.29 25.81
CA ASN E 92 6.41 -13.50 25.11
C ASN E 92 5.77 -12.56 24.12
N GLY E 93 6.47 -11.47 23.80
CA GLY E 93 5.97 -10.50 22.87
C GLY E 93 6.63 -10.68 21.51
N PRO E 94 5.88 -10.48 20.40
CA PRO E 94 4.47 -10.10 20.40
C PRO E 94 3.60 -11.31 20.69
N LEU E 95 2.33 -11.09 21.04
CA LEU E 95 1.41 -12.21 21.26
C LEU E 95 1.30 -12.91 19.92
N THR E 96 1.27 -14.24 19.91
CA THR E 96 1.17 -14.96 18.63
C THR E 96 0.12 -16.07 18.69
N PHE E 97 -0.38 -16.48 17.52
CA PHE E 97 -1.40 -17.55 17.41
C PHE E 97 -0.87 -18.68 16.54
N GLY E 98 -1.38 -19.88 16.76
CA GLY E 98 -1.01 -21.00 15.91
C GLY E 98 -1.81 -20.74 14.63
N ALA E 99 -1.55 -21.49 13.56
CA ALA E 99 -2.26 -21.32 12.30
C ALA E 99 -3.68 -21.88 12.34
N GLY E 100 -4.03 -22.59 13.40
CA GLY E 100 -5.37 -23.13 13.49
C GLY E 100 -5.54 -24.57 13.07
N THR E 101 -6.41 -25.28 13.76
CA THR E 101 -6.70 -26.67 13.47
C THR E 101 -8.17 -26.83 13.09
N LYS E 102 -8.41 -27.24 11.86
CA LYS E 102 -9.79 -27.44 11.39
C LYS E 102 -10.29 -28.83 11.83
N LEU E 103 -11.43 -28.85 12.50
CA LEU E 103 -12.01 -30.09 12.97
C LEU E 103 -13.19 -30.51 12.14
N GLU E 104 -13.09 -31.68 11.52
CA GLU E 104 -14.20 -32.18 10.75
C GLU E 104 -14.87 -33.28 11.55
N LEU E 105 -16.19 -33.26 11.58
CA LEU E 105 -16.94 -34.28 12.30
C LEU E 105 -17.36 -35.38 11.31
N LYS E 106 -17.04 -36.62 11.64
CA LYS E 106 -17.41 -37.73 10.76
C LYS E 106 -18.88 -38.09 10.96
N ARG E 107 -19.53 -38.49 9.88
CA ARG E 107 -20.92 -38.94 9.94
C ARG E 107 -21.01 -40.04 8.88
N ALA E 108 -22.17 -40.69 8.80
CA ALA E 108 -22.43 -41.74 7.83
C ALA E 108 -22.41 -41.15 6.42
N ASP E 109 -21.96 -41.93 5.46
CA ASP E 109 -21.93 -41.45 4.08
C ASP E 109 -23.33 -41.01 3.69
N ALA E 110 -23.40 -39.88 2.98
CA ALA E 110 -24.65 -39.30 2.52
C ALA E 110 -24.44 -38.88 1.07
N ALA E 111 -25.35 -39.30 0.21
CA ALA E 111 -25.27 -39.00 -1.21
C ALA E 111 -25.72 -37.58 -1.54
N PRO E 112 -25.03 -36.92 -2.48
CA PRO E 112 -25.44 -35.55 -2.82
C PRO E 112 -26.77 -35.55 -3.58
N THR E 113 -27.54 -34.49 -3.38
CA THR E 113 -28.75 -34.33 -4.15
C THR E 113 -28.29 -33.38 -5.26
N VAL E 114 -28.37 -33.86 -6.49
CA VAL E 114 -27.89 -33.12 -7.67
C VAL E 114 -28.96 -32.38 -8.48
N SER E 115 -28.68 -31.13 -8.81
CA SER E 115 -29.60 -30.28 -9.57
C SER E 115 -28.83 -29.45 -10.56
N ILE E 116 -29.33 -29.38 -11.79
CA ILE E 116 -28.70 -28.59 -12.84
C ILE E 116 -29.64 -27.45 -13.28
N PHE E 117 -29.10 -26.28 -13.53
CA PHE E 117 -29.91 -25.12 -13.94
C PHE E 117 -29.35 -24.41 -15.17
N PRO E 118 -30.21 -24.16 -16.17
CA PRO E 118 -29.77 -23.46 -17.39
C PRO E 118 -29.60 -21.96 -17.11
N PRO E 119 -28.94 -21.24 -18.02
CA PRO E 119 -28.75 -19.79 -17.85
C PRO E 119 -30.13 -19.16 -17.93
N SER E 120 -30.31 -18.05 -17.25
CA SER E 120 -31.59 -17.34 -17.27
C SER E 120 -31.68 -16.47 -18.53
N THR E 121 -32.89 -16.20 -18.98
CA THR E 121 -33.06 -15.32 -20.13
C THR E 121 -32.45 -13.97 -19.82
N GLU E 122 -32.59 -13.51 -18.56
CA GLU E 122 -32.05 -12.22 -18.16
C GLU E 122 -30.54 -12.15 -18.32
N GLN E 123 -29.83 -13.23 -17.97
CA GLN E 123 -28.38 -13.17 -18.10
C GLN E 123 -27.94 -13.15 -19.57
N LEU E 124 -28.61 -13.93 -20.39
CA LEU E 124 -28.24 -14.00 -21.80
C LEU E 124 -28.28 -12.62 -22.49
N ALA E 125 -29.03 -11.69 -21.89
CA ALA E 125 -29.15 -10.33 -22.41
C ALA E 125 -27.83 -9.59 -22.35
N THR E 126 -26.92 -10.10 -21.52
CA THR E 126 -25.61 -9.49 -21.36
C THR E 126 -24.61 -10.11 -22.32
N GLY E 127 -25.00 -11.13 -23.06
CA GLY E 127 -24.07 -11.77 -23.97
C GLY E 127 -23.30 -12.92 -23.29
N GLY E 128 -23.54 -13.07 -22.00
CA GLY E 128 -22.88 -14.11 -21.23
C GLY E 128 -23.85 -15.15 -20.71
N ALA E 129 -23.32 -16.33 -20.39
CA ALA E 129 -24.12 -17.45 -19.91
C ALA E 129 -23.44 -18.21 -18.75
N SER E 130 -24.23 -18.62 -17.79
CA SER E 130 -23.70 -19.40 -16.66
C SER E 130 -24.64 -20.57 -16.43
N VAL E 131 -24.08 -21.78 -16.39
CA VAL E 131 -24.87 -22.99 -16.16
C VAL E 131 -24.47 -23.45 -14.75
N VAL E 132 -25.46 -23.75 -13.91
CA VAL E 132 -25.14 -24.13 -12.53
C VAL E 132 -25.51 -25.54 -12.15
N CYS E 133 -24.62 -26.23 -11.44
CA CYS E 133 -24.90 -27.56 -10.98
C CYS E 133 -24.67 -27.55 -9.48
N LEU E 134 -25.65 -28.01 -8.71
CA LEU E 134 -25.54 -28.07 -7.26
C LEU E 134 -25.48 -29.53 -6.76
N MET E 135 -24.67 -29.77 -5.73
CA MET E 135 -24.48 -31.09 -5.10
C MET E 135 -24.66 -30.83 -3.62
N ASN E 136 -25.88 -31.04 -3.13
CA ASN E 136 -26.20 -30.69 -1.74
C ASN E 136 -26.30 -31.79 -0.69
N ASN E 137 -25.82 -31.46 0.50
CA ASN E 137 -25.84 -32.34 1.66
C ASN E 137 -25.19 -33.71 1.50
N PHE E 138 -23.90 -33.72 1.20
CA PHE E 138 -23.22 -34.99 1.04
C PHE E 138 -22.09 -35.15 2.06
N TYR E 139 -21.59 -36.38 2.15
CA TYR E 139 -20.47 -36.72 3.04
C TYR E 139 -19.94 -38.06 2.57
N PRO E 140 -18.61 -38.22 2.49
CA PRO E 140 -17.55 -37.26 2.83
C PRO E 140 -17.34 -36.11 1.85
N ARG E 141 -16.39 -35.25 2.18
CA ARG E 141 -16.12 -34.06 1.40
C ARG E 141 -15.60 -34.29 -0.01
N ASP E 142 -14.78 -35.32 -0.19
CA ASP E 142 -14.23 -35.63 -1.53
C ASP E 142 -15.33 -35.82 -2.54
N ILE E 143 -15.28 -35.06 -3.63
CA ILE E 143 -16.32 -35.19 -4.65
C ILE E 143 -15.81 -34.51 -5.92
N SER E 144 -16.34 -34.90 -7.08
CA SER E 144 -15.90 -34.25 -8.30
C SER E 144 -17.09 -34.07 -9.24
N VAL E 145 -16.98 -33.08 -10.12
CA VAL E 145 -18.05 -32.80 -11.07
C VAL E 145 -17.41 -32.67 -12.46
N LYS E 146 -18.17 -33.06 -13.47
CA LYS E 146 -17.69 -33.02 -14.82
C LYS E 146 -18.82 -32.55 -15.71
N TRP E 147 -18.55 -31.51 -16.47
CA TRP E 147 -19.54 -30.96 -17.38
C TRP E 147 -19.30 -31.53 -18.77
N LYS E 148 -20.39 -31.91 -19.45
CA LYS E 148 -20.35 -32.42 -20.81
C LYS E 148 -21.39 -31.64 -21.62
N ILE E 149 -21.01 -31.26 -22.85
CA ILE E 149 -21.89 -30.49 -23.74
C ILE E 149 -21.96 -31.31 -25.03
N ASP E 150 -23.15 -31.82 -25.31
CA ASP E 150 -23.36 -32.70 -26.45
C ASP E 150 -22.31 -33.82 -26.43
N GLY E 151 -22.11 -34.36 -25.23
CA GLY E 151 -21.21 -35.47 -25.03
C GLY E 151 -19.73 -35.15 -24.90
N THR E 152 -19.36 -33.88 -25.09
CA THR E 152 -17.96 -33.49 -25.00
C THR E 152 -17.68 -32.82 -23.68
N GLU E 153 -16.60 -33.26 -23.02
CA GLU E 153 -16.24 -32.68 -21.73
C GLU E 153 -15.86 -31.21 -21.89
N ARG E 154 -16.31 -30.37 -20.96
CA ARG E 154 -15.94 -28.95 -21.01
C ARG E 154 -15.17 -28.71 -19.71
N ARG E 155 -13.84 -28.61 -19.80
CA ARG E 155 -13.02 -28.40 -18.60
C ARG E 155 -12.80 -26.91 -18.32
N ASP E 156 -12.78 -26.10 -19.38
CA ASP E 156 -12.59 -24.66 -19.23
C ASP E 156 -13.86 -23.93 -18.77
N GLY E 157 -13.67 -22.84 -18.03
CA GLY E 157 -14.75 -22.00 -17.55
C GLY E 157 -15.53 -22.53 -16.34
N VAL E 158 -14.92 -23.41 -15.56
CA VAL E 158 -15.58 -24.00 -14.40
C VAL E 158 -15.00 -23.50 -13.08
N LEU E 159 -15.87 -23.09 -12.16
CA LEU E 159 -15.47 -22.64 -10.86
C LEU E 159 -16.37 -23.33 -9.85
N ASP E 160 -15.79 -23.93 -8.83
CA ASP E 160 -16.54 -24.67 -7.81
C ASP E 160 -16.43 -24.00 -6.44
N SER E 161 -17.39 -24.26 -5.57
CA SER E 161 -17.38 -23.68 -4.23
C SER E 161 -18.03 -24.64 -3.23
N VAL E 162 -17.39 -24.86 -2.09
CA VAL E 162 -17.92 -25.80 -1.10
C VAL E 162 -18.24 -25.08 0.20
N THR E 163 -19.40 -25.37 0.77
CA THR E 163 -19.76 -24.75 2.03
C THR E 163 -18.90 -25.33 3.17
N ASP E 164 -19.00 -24.67 4.31
CA ASP E 164 -18.31 -25.16 5.50
C ASP E 164 -19.23 -26.29 5.97
N GLN E 165 -18.67 -27.31 6.62
CA GLN E 165 -19.47 -28.40 7.12
C GLN E 165 -20.62 -27.89 8.00
N ASP E 166 -21.81 -28.46 7.81
CA ASP E 166 -23.00 -28.06 8.56
C ASP E 166 -22.90 -28.43 10.04
N SER E 167 -23.17 -27.45 10.91
CA SER E 167 -23.12 -27.64 12.37
C SER E 167 -24.13 -28.66 12.90
N LYS E 168 -25.22 -28.85 12.16
CA LYS E 168 -26.26 -29.79 12.56
C LYS E 168 -26.23 -31.16 11.92
N ASP E 169 -26.09 -31.22 10.60
CA ASP E 169 -26.12 -32.53 9.96
C ASP E 169 -24.78 -33.04 9.45
N SER E 170 -23.75 -32.25 9.71
CA SER E 170 -22.38 -32.59 9.35
C SER E 170 -22.15 -32.86 7.86
N THR E 171 -22.99 -32.32 6.99
CA THR E 171 -22.74 -32.50 5.56
C THR E 171 -22.09 -31.29 4.94
N TYR E 172 -21.78 -31.44 3.66
CA TYR E 172 -21.22 -30.40 2.81
C TYR E 172 -22.13 -30.25 1.60
N SER E 173 -22.00 -29.10 0.95
CA SER E 173 -22.71 -28.84 -0.30
C SER E 173 -21.74 -28.14 -1.23
N MET E 174 -21.85 -28.42 -2.51
CA MET E 174 -20.95 -27.78 -3.45
C MET E 174 -21.68 -27.26 -4.66
N SER E 175 -21.26 -26.07 -5.13
CA SER E 175 -21.86 -25.52 -6.36
C SER E 175 -20.71 -25.44 -7.37
N SER E 176 -21.06 -25.66 -8.62
CA SER E 176 -20.14 -25.63 -9.75
C SER E 176 -20.82 -24.78 -10.80
N THR E 177 -20.12 -23.75 -11.26
CA THR E 177 -20.68 -22.87 -12.27
C THR E 177 -19.81 -22.96 -13.54
N LEU E 178 -20.46 -23.26 -14.65
CA LEU E 178 -19.80 -23.33 -15.96
C LEU E 178 -20.09 -22.02 -16.70
N SER E 179 -19.04 -21.26 -17.05
CA SER E 179 -19.25 -20.01 -17.78
C SER E 179 -18.93 -20.17 -19.27
N LEU E 180 -19.72 -19.51 -20.11
CA LEU E 180 -19.50 -19.52 -21.55
C LEU E 180 -20.26 -18.35 -22.18
N THR E 181 -19.88 -17.98 -23.39
CA THR E 181 -20.54 -16.87 -24.07
C THR E 181 -21.91 -17.34 -24.53
N LYS E 182 -22.82 -16.39 -24.77
CA LYS E 182 -24.16 -16.71 -25.28
C LYS E 182 -24.01 -17.46 -26.61
N ALA E 183 -23.12 -17.02 -27.48
CA ALA E 183 -22.98 -17.71 -28.77
C ALA E 183 -22.59 -19.18 -28.62
N ASP E 184 -21.68 -19.45 -27.68
CA ASP E 184 -21.21 -20.80 -27.44
C ASP E 184 -22.42 -21.63 -26.94
N TYR E 185 -23.06 -21.10 -25.91
CA TYR E 185 -24.20 -21.75 -25.30
C TYR E 185 -25.27 -22.05 -26.31
N GLU E 186 -25.55 -21.10 -27.21
CA GLU E 186 -26.60 -21.35 -28.18
C GLU E 186 -26.21 -22.22 -29.37
N SER E 187 -24.98 -22.71 -29.40
CA SER E 187 -24.54 -23.55 -30.51
C SER E 187 -24.55 -25.01 -30.11
N HIS E 188 -24.98 -25.29 -28.89
CA HIS E 188 -25.03 -26.64 -28.40
C HIS E 188 -26.43 -26.97 -27.87
N ASN E 189 -26.71 -28.26 -27.72
CA ASN E 189 -28.03 -28.66 -27.27
C ASN E 189 -28.16 -29.30 -25.88
N LEU E 190 -27.38 -30.36 -25.65
CA LEU E 190 -27.46 -31.10 -24.40
C LEU E 190 -26.44 -30.68 -23.37
N TYR E 191 -26.90 -30.23 -22.22
CA TYR E 191 -25.99 -29.82 -21.16
C TYR E 191 -26.11 -30.83 -20.03
N THR E 192 -24.96 -31.40 -19.64
CA THR E 192 -24.92 -32.42 -18.60
C THR E 192 -23.93 -32.14 -17.48
N CYS E 193 -24.38 -32.37 -16.25
CA CYS E 193 -23.58 -32.24 -15.05
C CYS E 193 -23.41 -33.68 -14.53
N GLU E 194 -22.18 -34.19 -14.38
CA GLU E 194 -21.98 -35.54 -13.83
C GLU E 194 -21.24 -35.46 -12.52
N VAL E 195 -21.73 -36.17 -11.51
CA VAL E 195 -21.12 -36.10 -10.19
C VAL E 195 -20.60 -37.44 -9.69
N VAL E 196 -19.36 -37.44 -9.23
CA VAL E 196 -18.76 -38.66 -8.74
C VAL E 196 -18.51 -38.51 -7.25
N HIS E 197 -19.04 -39.46 -6.50
CA HIS E 197 -18.93 -39.48 -5.05
C HIS E 197 -18.85 -40.92 -4.57
N LYS E 198 -18.25 -41.10 -3.41
CA LYS E 198 -18.06 -42.41 -2.80
C LYS E 198 -19.36 -43.21 -2.72
N THR E 199 -20.46 -42.52 -2.47
CA THR E 199 -21.76 -43.15 -2.32
C THR E 199 -22.38 -43.84 -3.54
N SER E 200 -21.74 -43.72 -4.71
CA SER E 200 -22.26 -44.37 -5.91
C SER E 200 -21.12 -44.90 -6.77
N SER E 201 -21.28 -46.11 -7.30
CA SER E 201 -20.23 -46.71 -8.13
C SER E 201 -20.22 -46.05 -9.50
N SER E 202 -21.34 -45.48 -9.89
CA SER E 202 -21.42 -44.81 -11.19
C SER E 202 -21.73 -43.35 -10.93
N PRO E 203 -21.35 -42.47 -11.86
CA PRO E 203 -21.63 -41.03 -11.69
C PRO E 203 -23.12 -40.75 -11.63
N VAL E 204 -23.48 -39.69 -10.90
CA VAL E 204 -24.85 -39.24 -10.84
C VAL E 204 -24.95 -38.23 -11.98
N VAL E 205 -25.96 -38.39 -12.83
CA VAL E 205 -26.08 -37.52 -13.98
C VAL E 205 -27.36 -36.67 -14.05
N LYS E 206 -27.22 -35.37 -14.28
CA LYS E 206 -28.41 -34.51 -14.45
C LYS E 206 -28.22 -33.68 -15.72
N SER E 207 -29.23 -33.60 -16.54
CA SER E 207 -29.10 -32.86 -17.80
C SER E 207 -30.33 -32.03 -18.15
N PHE E 208 -30.18 -31.14 -19.13
CA PHE E 208 -31.29 -30.38 -19.71
C PHE E 208 -30.91 -30.13 -21.17
N ASN E 209 -31.90 -29.96 -22.04
CA ASN E 209 -31.67 -29.64 -23.46
C ASN E 209 -31.99 -28.16 -23.64
N ARG E 210 -31.13 -27.41 -24.30
CA ARG E 210 -31.38 -26.00 -24.51
C ARG E 210 -32.72 -25.85 -25.24
N GLN F 1 -23.06 -7.46 29.36
CA GLN F 1 -23.34 -6.17 28.70
C GLN F 1 -22.11 -5.63 28.00
N VAL F 2 -20.98 -6.30 28.17
CA VAL F 2 -19.73 -5.89 27.53
C VAL F 2 -19.97 -5.86 26.03
N ASN F 3 -19.60 -4.77 25.39
CA ASN F 3 -19.79 -4.66 23.95
C ASN F 3 -18.73 -3.82 23.27
N LEU F 4 -18.29 -4.26 22.10
CA LEU F 4 -17.30 -3.54 21.32
C LEU F 4 -17.92 -3.39 19.93
N LEU F 5 -18.24 -2.15 19.57
CA LEU F 5 -18.89 -1.84 18.31
C LEU F 5 -17.91 -1.26 17.32
N GLN F 6 -17.66 -2.00 16.25
CA GLN F 6 -16.68 -1.55 15.26
C GLN F 6 -17.30 -0.82 14.08
N SER F 7 -16.52 0.07 13.47
CA SER F 7 -16.96 0.83 12.31
C SER F 7 -17.21 -0.12 11.14
N GLY F 8 -17.90 0.39 10.12
CA GLY F 8 -18.24 -0.43 8.95
C GLY F 8 -17.13 -0.71 7.95
N ALA F 9 -17.39 -1.65 7.05
CA ALA F 9 -16.42 -2.06 6.05
C ALA F 9 -15.85 -0.88 5.27
N ALA F 10 -14.64 -1.06 4.78
CA ALA F 10 -13.99 -0.01 4.02
C ALA F 10 -13.26 -0.54 2.81
N LEU F 11 -13.35 0.21 1.71
CA LEU F 11 -12.69 -0.09 0.45
C LEU F 11 -11.68 1.05 0.32
N VAL F 12 -10.39 0.73 0.19
CA VAL F 12 -9.36 1.75 0.14
C VAL F 12 -8.40 1.58 -1.03
N LYS F 13 -7.98 2.68 -1.65
CA LYS F 13 -7.06 2.61 -2.79
C LYS F 13 -5.66 2.27 -2.28
N PRO F 14 -4.84 1.59 -3.09
CA PRO F 14 -3.49 1.26 -2.63
C PRO F 14 -2.79 2.58 -2.37
N GLY F 15 -2.02 2.64 -1.28
CA GLY F 15 -1.31 3.86 -0.95
C GLY F 15 -2.07 4.80 -0.04
N ALA F 16 -3.39 4.66 0.03
CA ALA F 16 -4.22 5.51 0.86
C ALA F 16 -4.27 4.95 2.28
N SER F 17 -4.96 5.65 3.17
CA SER F 17 -5.08 5.25 4.57
C SER F 17 -6.53 5.11 5.00
N VAL F 18 -6.75 4.51 6.16
CA VAL F 18 -8.10 4.32 6.68
C VAL F 18 -8.01 4.27 8.22
N LYS F 19 -9.02 4.82 8.88
CA LYS F 19 -9.03 4.83 10.34
C LYS F 19 -10.24 4.11 10.89
N LEU F 20 -10.01 3.02 11.60
CA LEU F 20 -11.08 2.19 12.18
C LEU F 20 -11.37 2.58 13.63
N SER F 21 -12.62 2.42 14.05
CA SER F 21 -13.01 2.75 15.42
C SER F 21 -13.62 1.55 16.11
N CYS F 22 -13.53 1.55 17.44
CA CYS F 22 -14.06 0.50 18.27
C CYS F 22 -14.72 1.18 19.48
N LYS F 23 -16.04 1.27 19.43
CA LYS F 23 -16.85 1.89 20.49
C LYS F 23 -17.16 0.90 21.61
N ALA F 24 -16.59 1.12 22.79
CA ALA F 24 -16.83 0.20 23.92
C ALA F 24 -17.97 0.64 24.82
N SER F 25 -18.54 -0.33 25.54
CA SER F 25 -19.64 -0.07 26.45
C SER F 25 -19.92 -1.29 27.33
N GLY F 26 -20.57 -1.06 28.47
CA GLY F 26 -20.88 -2.15 29.38
C GLY F 26 -19.81 -2.36 30.46
N TYR F 27 -18.83 -1.45 30.55
CA TYR F 27 -17.77 -1.56 31.56
C TYR F 27 -16.95 -0.28 31.57
N THR F 28 -16.01 -0.16 32.53
CA THR F 28 -15.17 1.04 32.68
C THR F 28 -14.07 1.08 31.59
N PHE F 29 -14.27 1.94 30.60
CA PHE F 29 -13.33 2.07 29.49
C PHE F 29 -11.84 2.07 29.86
N THR F 30 -11.45 2.94 30.79
CA THR F 30 -10.05 3.06 31.19
C THR F 30 -9.47 1.90 32.02
N ASP F 31 -10.33 1.02 32.50
CA ASP F 31 -9.85 -0.10 33.29
C ASP F 31 -9.36 -1.28 32.45
N PHE F 32 -9.57 -1.24 31.13
CA PHE F 32 -9.13 -2.35 30.27
C PHE F 32 -8.36 -1.90 29.04
N TYR F 33 -7.51 -2.79 28.54
CA TYR F 33 -6.75 -2.51 27.34
C TYR F 33 -7.59 -2.85 26.12
N ILE F 34 -7.35 -2.11 25.03
CA ILE F 34 -8.02 -2.34 23.77
C ILE F 34 -6.90 -2.91 22.89
N HIS F 35 -7.12 -4.13 22.43
CA HIS F 35 -6.18 -4.85 21.57
C HIS F 35 -6.77 -4.89 20.16
N TRP F 36 -5.90 -5.01 19.15
CA TRP F 36 -6.36 -5.14 17.77
C TRP F 36 -5.72 -6.38 17.16
N VAL F 37 -6.52 -7.07 16.36
CA VAL F 37 -6.18 -8.33 15.72
C VAL F 37 -6.53 -8.27 14.25
N LYS F 38 -5.72 -8.98 13.45
CA LYS F 38 -5.87 -9.08 12.01
C LYS F 38 -6.09 -10.54 11.62
N GLN F 39 -7.08 -10.79 10.78
CA GLN F 39 -7.32 -12.15 10.30
C GLN F 39 -7.36 -12.02 8.79
N SER F 40 -6.34 -12.47 8.09
CA SER F 40 -6.42 -12.31 6.65
C SER F 40 -6.96 -13.56 6.01
N HIS F 41 -7.77 -13.37 4.96
CA HIS F 41 -8.40 -14.46 4.23
C HIS F 41 -7.53 -15.71 4.27
N GLY F 42 -8.04 -16.72 4.95
CA GLY F 42 -7.30 -17.96 5.10
C GLY F 42 -7.34 -18.33 6.57
N LYS F 43 -7.92 -17.44 7.37
CA LYS F 43 -8.11 -17.62 8.83
C LYS F 43 -6.92 -17.27 9.72
N SER F 44 -5.81 -16.86 9.13
CA SER F 44 -4.57 -16.52 9.86
C SER F 44 -4.72 -15.34 10.85
N LEU F 45 -4.57 -15.60 12.16
CA LEU F 45 -4.70 -14.55 13.18
C LEU F 45 -3.36 -13.95 13.64
N GLU F 46 -3.29 -12.62 13.65
CA GLU F 46 -2.10 -11.90 14.08
C GLU F 46 -2.48 -10.79 15.04
N TRP F 47 -1.67 -10.60 16.09
CA TRP F 47 -1.94 -9.55 17.06
C TRP F 47 -1.18 -8.29 16.63
N ILE F 48 -1.89 -7.16 16.54
CA ILE F 48 -1.29 -5.91 16.12
C ILE F 48 -0.69 -5.16 17.29
N GLY F 49 -1.43 -5.10 18.39
CA GLY F 49 -0.92 -4.44 19.56
C GLY F 49 -2.03 -4.02 20.49
N TYR F 50 -1.68 -3.33 21.57
CA TYR F 50 -2.67 -2.84 22.51
C TYR F 50 -2.39 -1.39 22.91
N ILE F 51 -3.40 -0.73 23.43
CA ILE F 51 -3.25 0.62 23.91
C ILE F 51 -3.93 0.63 25.27
N ASN F 52 -3.33 1.34 26.20
CA ASN F 52 -3.92 1.47 27.53
C ASN F 52 -4.73 2.77 27.46
N PRO F 53 -6.06 2.69 27.44
CA PRO F 53 -6.86 3.93 27.37
C PRO F 53 -6.56 4.95 28.48
N ASN F 54 -6.33 4.45 29.69
CA ASN F 54 -6.07 5.34 30.81
C ASN F 54 -4.91 6.28 30.52
N SER F 55 -3.86 5.76 29.92
CA SER F 55 -2.68 6.57 29.67
C SER F 55 -2.31 6.84 28.23
N GLY F 56 -2.75 5.98 27.32
CA GLY F 56 -2.41 6.16 25.93
C GLY F 56 -1.15 5.39 25.61
N TYR F 57 -0.61 4.70 26.61
CA TYR F 57 0.59 3.88 26.45
C TYR F 57 0.30 2.78 25.42
N THR F 58 1.23 2.53 24.50
CA THR F 58 0.99 1.50 23.50
C THR F 58 2.07 0.43 23.46
N ASN F 59 1.68 -0.74 22.97
CA ASN F 59 2.63 -1.84 22.81
C ASN F 59 2.31 -2.42 21.43
N TYR F 60 3.15 -2.11 20.45
CA TYR F 60 2.93 -2.60 19.09
C TYR F 60 3.77 -3.81 18.76
N ASN F 61 3.18 -4.67 17.94
CA ASN F 61 3.91 -5.84 17.44
C ASN F 61 4.82 -5.13 16.41
N GLU F 62 6.11 -5.43 16.43
CA GLU F 62 7.06 -4.82 15.49
C GLU F 62 6.64 -4.97 14.03
N LYS F 63 5.96 -6.07 13.72
CA LYS F 63 5.54 -6.29 12.35
C LYS F 63 4.51 -5.28 11.88
N PHE F 64 3.89 -4.60 12.84
CA PHE F 64 2.88 -3.60 12.46
C PHE F 64 3.20 -2.17 12.86
N LYS F 65 4.36 -1.93 13.48
CA LYS F 65 4.67 -0.58 13.96
C LYS F 65 4.69 0.52 12.92
N ASN F 66 5.01 0.18 11.67
CA ASN F 66 5.06 1.17 10.60
C ASN F 66 3.74 1.24 9.86
N LYS F 67 2.82 0.36 10.23
CA LYS F 67 1.52 0.27 9.58
C LYS F 67 0.35 0.78 10.41
N ALA F 68 0.35 0.47 11.70
CA ALA F 68 -0.76 0.87 12.56
C ALA F 68 -0.43 1.93 13.60
N THR F 69 -1.44 2.74 13.91
CA THR F 69 -1.32 3.79 14.91
C THR F 69 -2.56 3.69 15.78
N LEU F 70 -2.35 3.40 17.05
CA LEU F 70 -3.49 3.26 17.97
C LEU F 70 -3.69 4.51 18.79
N THR F 71 -4.95 4.90 19.00
CA THR F 71 -5.27 6.06 19.83
C THR F 71 -6.61 5.79 20.47
N VAL F 72 -6.97 6.59 21.46
CA VAL F 72 -8.24 6.44 22.13
C VAL F 72 -8.84 7.83 22.38
N ASP F 73 -10.14 7.84 22.62
CA ASP F 73 -10.84 9.07 22.93
C ASP F 73 -11.67 8.70 24.15
N LYS F 74 -11.17 9.07 25.32
CA LYS F 74 -11.87 8.75 26.54
C LYS F 74 -13.26 9.36 26.60
N SER F 75 -13.46 10.50 25.94
CA SER F 75 -14.78 11.13 25.99
C SER F 75 -15.86 10.34 25.25
N THR F 76 -15.45 9.49 24.31
CA THR F 76 -16.42 8.67 23.57
C THR F 76 -16.21 7.19 23.83
N SER F 77 -15.27 6.86 24.71
CA SER F 77 -14.99 5.48 25.04
C SER F 77 -14.72 4.74 23.74
N THR F 78 -13.92 5.36 22.88
CA THR F 78 -13.62 4.79 21.58
C THR F 78 -12.13 4.62 21.32
N GLY F 79 -11.78 3.42 20.84
CA GLY F 79 -10.41 3.11 20.50
C GLY F 79 -10.32 3.19 18.99
N TYR F 80 -9.27 3.80 18.47
CA TYR F 80 -9.13 3.89 17.03
C TYR F 80 -7.84 3.23 16.55
N MET F 81 -7.85 2.81 15.29
CA MET F 81 -6.66 2.24 14.71
C MET F 81 -6.57 2.77 13.28
N GLU F 82 -5.53 3.54 13.01
CA GLU F 82 -5.33 4.07 11.67
C GLU F 82 -4.34 3.11 10.98
N LEU F 83 -4.69 2.69 9.77
CA LEU F 83 -3.83 1.81 8.97
C LEU F 83 -3.39 2.71 7.82
N SER F 84 -2.08 2.89 7.72
CA SER F 84 -1.52 3.80 6.73
C SER F 84 -0.85 3.20 5.50
N ARG F 85 -1.02 3.89 4.37
CA ARG F 85 -0.38 3.51 3.12
C ARG F 85 -0.53 2.03 2.78
N LEU F 86 -1.78 1.61 2.69
CA LEU F 86 -2.11 0.22 2.46
C LEU F 86 -1.74 -0.34 1.10
N THR F 87 -1.55 -1.66 1.10
CA THR F 87 -1.26 -2.46 -0.09
C THR F 87 -2.25 -3.63 0.03
N SER F 88 -2.31 -4.48 -1.00
CA SER F 88 -3.21 -5.63 -0.99
C SER F 88 -2.97 -6.54 0.21
N GLU F 89 -1.75 -6.53 0.73
CA GLU F 89 -1.39 -7.35 1.89
C GLU F 89 -2.16 -6.92 3.16
N ASP F 90 -2.72 -5.72 3.14
CA ASP F 90 -3.45 -5.25 4.30
C ASP F 90 -4.94 -5.55 4.25
N SER F 91 -5.43 -6.15 3.17
CA SER F 91 -6.84 -6.53 3.10
C SER F 91 -7.04 -7.65 4.12
N ALA F 92 -7.96 -7.47 5.05
CA ALA F 92 -8.22 -8.47 6.08
C ALA F 92 -9.42 -8.03 6.91
N ASN F 93 -9.76 -8.86 7.89
CA ASN F 93 -10.86 -8.58 8.83
C ASN F 93 -10.14 -8.12 10.10
N TYR F 94 -10.39 -6.90 10.55
CA TYR F 94 -9.70 -6.39 11.74
C TYR F 94 -10.63 -6.35 12.93
N SER F 95 -10.18 -6.86 14.07
CA SER F 95 -11.04 -6.87 15.23
C SER F 95 -10.37 -6.21 16.44
N CYS F 96 -11.18 -5.64 17.31
CA CYS F 96 -10.66 -5.09 18.56
C CYS F 96 -11.13 -6.06 19.62
N THR F 97 -10.36 -6.18 20.69
CA THR F 97 -10.72 -7.07 21.78
C THR F 97 -10.46 -6.32 23.11
N ARG F 98 -11.12 -6.74 24.18
CA ARG F 98 -10.91 -6.12 25.50
C ARG F 98 -9.95 -7.02 26.28
N GLY F 99 -8.93 -6.41 26.87
CA GLY F 99 -8.00 -7.19 27.66
C GLY F 99 -7.87 -6.73 29.10
N VAL F 100 -7.99 -7.69 30.02
CA VAL F 100 -7.76 -7.38 31.43
C VAL F 100 -6.25 -7.07 31.42
N PRO F 101 -5.82 -5.91 31.96
CA PRO F 101 -4.39 -5.58 31.96
C PRO F 101 -3.57 -6.68 32.58
N GLY F 102 -2.53 -7.09 31.86
CA GLY F 102 -1.69 -8.15 32.38
C GLY F 102 -2.15 -9.53 31.94
N ASN F 103 -3.39 -9.65 31.46
CA ASN F 103 -3.90 -10.94 30.99
C ASN F 103 -4.23 -10.78 29.51
N ASN F 104 -3.24 -11.08 28.67
CA ASN F 104 -3.37 -10.92 27.23
C ASN F 104 -4.05 -12.07 26.50
N TRP F 105 -5.31 -12.33 26.85
CA TRP F 105 -6.10 -13.35 26.17
C TRP F 105 -7.48 -12.72 26.03
N PHE F 106 -8.25 -13.20 25.06
CA PHE F 106 -9.48 -12.51 24.72
C PHE F 106 -10.88 -13.07 24.80
N PRO F 107 -11.57 -12.83 25.93
CA PRO F 107 -12.93 -13.35 26.08
C PRO F 107 -13.97 -12.51 25.32
N TYR F 108 -13.63 -11.27 25.02
CA TYR F 108 -14.55 -10.37 24.33
C TYR F 108 -14.00 -9.79 23.05
N TRP F 109 -14.77 -9.93 21.96
CA TRP F 109 -14.36 -9.44 20.66
C TRP F 109 -15.34 -8.49 20.00
N GLY F 110 -14.83 -7.49 19.27
CA GLY F 110 -15.72 -6.62 18.53
C GLY F 110 -16.26 -7.52 17.41
N GLN F 111 -17.19 -7.04 16.58
CA GLN F 111 -17.74 -7.88 15.52
C GLN F 111 -16.85 -7.97 14.28
N GLY F 112 -15.80 -7.15 14.23
CA GLY F 112 -14.89 -7.15 13.10
C GLY F 112 -15.19 -6.11 12.04
N THR F 113 -14.15 -5.64 11.37
CA THR F 113 -14.31 -4.68 10.29
C THR F 113 -13.53 -5.20 9.11
N LEU F 114 -14.22 -5.31 7.98
CA LEU F 114 -13.59 -5.79 6.76
C LEU F 114 -12.97 -4.63 6.02
N VAL F 115 -11.68 -4.75 5.75
CA VAL F 115 -10.95 -3.76 5.00
C VAL F 115 -10.48 -4.40 3.70
N THR F 116 -10.91 -3.83 2.59
CA THR F 116 -10.49 -4.36 1.30
C THR F 116 -9.66 -3.26 0.67
N VAL F 117 -8.47 -3.62 0.23
CA VAL F 117 -7.56 -2.67 -0.39
C VAL F 117 -7.55 -2.99 -1.87
N SER F 118 -8.00 -2.05 -2.69
CA SER F 118 -8.05 -2.32 -4.14
C SER F 118 -8.16 -1.07 -5.01
N SER F 119 -7.73 -1.19 -6.27
CA SER F 119 -7.82 -0.09 -7.24
C SER F 119 -9.26 -0.01 -7.79
N ALA F 120 -9.97 -1.14 -7.73
CA ALA F 120 -11.34 -1.21 -8.26
C ALA F 120 -12.45 -0.47 -7.51
N GLU F 121 -13.42 0.05 -8.26
CA GLU F 121 -14.56 0.73 -7.68
C GLU F 121 -15.59 -0.36 -7.38
N THR F 122 -16.63 -0.02 -6.64
CA THR F 122 -17.64 -1.00 -6.32
C THR F 122 -18.46 -1.29 -7.57
N THR F 123 -18.95 -2.53 -7.65
CA THR F 123 -19.76 -3.01 -8.75
C THR F 123 -20.93 -3.75 -8.09
N ALA F 124 -22.17 -3.35 -8.40
CA ALA F 124 -23.36 -3.99 -7.83
C ALA F 124 -23.58 -5.36 -8.51
N PRO F 125 -24.17 -6.33 -7.78
CA PRO F 125 -24.39 -7.64 -8.40
C PRO F 125 -25.58 -7.67 -9.34
N SER F 126 -25.58 -8.65 -10.23
CA SER F 126 -26.72 -8.90 -11.11
C SER F 126 -27.27 -10.18 -10.46
N VAL F 127 -28.57 -10.25 -10.29
CA VAL F 127 -29.17 -11.42 -9.66
C VAL F 127 -30.04 -12.18 -10.63
N TYR F 128 -29.67 -13.42 -10.90
CA TYR F 128 -30.38 -14.27 -11.85
C TYR F 128 -31.06 -15.47 -11.22
N PRO F 129 -32.23 -15.85 -11.75
CA PRO F 129 -32.94 -17.01 -11.21
C PRO F 129 -32.34 -18.36 -11.61
N LEU F 130 -32.39 -19.34 -10.70
CA LEU F 130 -31.97 -20.70 -11.01
C LEU F 130 -33.29 -21.51 -10.89
N ALA F 131 -33.87 -21.89 -12.03
CA ALA F 131 -35.10 -22.69 -12.05
C ALA F 131 -34.82 -23.89 -12.95
N PRO F 132 -35.46 -25.04 -12.68
CA PRO F 132 -35.26 -26.25 -13.49
C PRO F 132 -35.62 -26.14 -14.95
N GLY F 133 -34.84 -26.80 -15.79
CA GLY F 133 -35.10 -26.77 -17.22
C GLY F 133 -35.75 -28.06 -17.68
N THR F 134 -36.40 -28.76 -16.77
CA THR F 134 -37.06 -30.02 -17.07
C THR F 134 -38.23 -30.23 -16.11
N ALA F 135 -39.15 -31.11 -16.50
CA ALA F 135 -40.33 -31.41 -15.70
C ALA F 135 -40.01 -31.82 -14.26
N LEU F 136 -40.77 -31.25 -13.33
CA LEU F 136 -40.63 -31.51 -11.90
C LEU F 136 -41.66 -32.59 -11.56
N LYS F 137 -41.47 -33.79 -12.09
CA LYS F 137 -42.42 -34.87 -11.86
C LYS F 137 -41.87 -36.07 -11.10
N SER F 138 -40.55 -36.21 -11.06
CA SER F 138 -39.93 -37.36 -10.40
C SER F 138 -39.49 -37.18 -8.95
N ASN F 139 -39.90 -36.11 -8.29
CA ASN F 139 -39.47 -35.90 -6.91
C ASN F 139 -40.40 -35.04 -6.06
N SER F 140 -40.44 -35.35 -4.78
CA SER F 140 -41.27 -34.65 -3.81
C SER F 140 -40.68 -33.31 -3.36
N MET F 141 -39.41 -33.06 -3.70
CA MET F 141 -38.76 -31.79 -3.34
C MET F 141 -38.24 -31.12 -4.60
N VAL F 142 -38.13 -29.80 -4.56
CA VAL F 142 -37.56 -29.10 -5.70
C VAL F 142 -36.57 -28.09 -5.15
N THR F 143 -35.44 -27.95 -5.82
CA THR F 143 -34.41 -27.00 -5.41
C THR F 143 -34.41 -25.83 -6.40
N LEU F 144 -34.45 -24.62 -5.86
CA LEU F 144 -34.46 -23.41 -6.67
C LEU F 144 -33.30 -22.55 -6.17
N GLY F 145 -32.98 -21.48 -6.89
CA GLY F 145 -31.88 -20.65 -6.43
C GLY F 145 -31.70 -19.35 -7.13
N CYS F 146 -30.65 -18.62 -6.70
CA CYS F 146 -30.26 -17.34 -7.27
C CYS F 146 -28.75 -17.31 -7.49
N LEU F 147 -28.34 -16.81 -8.65
CA LEU F 147 -26.95 -16.63 -9.03
C LEU F 147 -26.74 -15.12 -8.85
N VAL F 148 -25.83 -14.77 -7.95
CA VAL F 148 -25.52 -13.37 -7.61
C VAL F 148 -24.15 -13.15 -8.22
N LYS F 149 -24.16 -12.54 -9.40
CA LYS F 149 -22.94 -12.40 -10.18
C LYS F 149 -22.35 -11.02 -10.42
N GLY F 150 -21.02 -11.01 -10.50
CA GLY F 150 -20.27 -9.80 -10.78
C GLY F 150 -20.28 -8.65 -9.82
N TYR F 151 -20.11 -8.92 -8.52
CA TYR F 151 -20.09 -7.81 -7.58
C TYR F 151 -18.70 -7.66 -6.95
N PHE F 152 -18.50 -6.50 -6.34
CA PHE F 152 -17.24 -6.19 -5.67
C PHE F 152 -17.50 -4.93 -4.90
N PRO F 153 -17.06 -4.88 -3.63
CA PRO F 153 -16.34 -5.94 -2.93
C PRO F 153 -17.31 -6.84 -2.16
N GLU F 154 -16.75 -7.75 -1.35
CA GLU F 154 -17.60 -8.57 -0.48
C GLU F 154 -18.04 -7.61 0.60
N PRO F 155 -19.12 -7.94 1.32
CA PRO F 155 -19.93 -9.15 1.15
C PRO F 155 -21.31 -8.82 0.59
N VAL F 156 -22.13 -9.84 0.43
CA VAL F 156 -23.53 -9.67 0.07
C VAL F 156 -24.29 -10.50 1.11
N THR F 157 -25.57 -10.22 1.32
CA THR F 157 -26.37 -11.01 2.25
C THR F 157 -27.54 -11.55 1.41
N VAL F 158 -27.84 -12.83 1.56
CA VAL F 158 -28.92 -13.44 0.81
C VAL F 158 -29.92 -14.06 1.76
N THR F 159 -31.20 -13.75 1.60
CA THR F 159 -32.21 -14.39 2.41
C THR F 159 -33.28 -14.92 1.45
N TRP F 160 -34.18 -15.75 1.96
CA TRP F 160 -35.25 -16.26 1.15
C TRP F 160 -36.60 -15.90 1.78
N ASN F 161 -37.51 -15.38 0.95
CA ASN F 161 -38.84 -14.95 1.38
C ASN F 161 -38.74 -14.02 2.59
N SER F 162 -37.82 -13.07 2.45
CA SER F 162 -37.58 -12.07 3.48
C SER F 162 -37.14 -12.64 4.80
N GLY F 163 -36.45 -13.77 4.78
CA GLY F 163 -36.00 -14.35 6.03
C GLY F 163 -37.00 -15.32 6.62
N ALA F 164 -38.22 -15.38 6.08
CA ALA F 164 -39.23 -16.31 6.57
C ALA F 164 -38.94 -17.76 6.18
N LEU F 165 -38.13 -17.95 5.16
CA LEU F 165 -37.80 -19.29 4.73
C LEU F 165 -36.31 -19.47 5.00
N SER F 166 -35.97 -20.21 6.05
CA SER F 166 -34.56 -20.41 6.38
C SER F 166 -34.05 -21.84 6.32
N SER F 167 -34.95 -22.81 6.42
CA SER F 167 -34.57 -24.22 6.38
C SER F 167 -34.41 -24.68 4.93
N GLY F 168 -33.50 -25.61 4.68
CA GLY F 168 -33.29 -26.10 3.32
C GLY F 168 -32.49 -25.11 2.45
N VAL F 169 -31.82 -24.17 3.10
CA VAL F 169 -31.04 -23.16 2.40
C VAL F 169 -29.53 -23.42 2.44
N HIS F 170 -28.89 -23.15 1.31
CA HIS F 170 -27.44 -23.27 1.16
C HIS F 170 -26.93 -22.04 0.44
N THR F 171 -26.08 -21.24 1.07
CA THR F 171 -25.51 -20.10 0.38
C THR F 171 -24.02 -20.40 0.32
N PHE F 172 -23.51 -20.57 -0.90
CA PHE F 172 -22.10 -20.94 -1.13
C PHE F 172 -21.08 -19.80 -1.09
N PRO F 173 -19.84 -20.10 -0.64
CA PRO F 173 -18.83 -19.04 -0.60
C PRO F 173 -18.65 -18.43 -1.98
N ALA F 174 -18.46 -17.14 -2.04
CA ALA F 174 -18.25 -16.47 -3.32
C ALA F 174 -16.90 -16.85 -3.94
N VAL F 175 -16.81 -16.85 -5.27
CA VAL F 175 -15.54 -17.10 -5.94
C VAL F 175 -15.19 -15.82 -6.69
N LEU F 176 -13.91 -15.49 -6.65
CA LEU F 176 -13.38 -14.30 -7.28
C LEU F 176 -12.76 -14.61 -8.64
N GLN F 177 -13.15 -13.84 -9.65
CA GLN F 177 -12.62 -14.04 -10.98
C GLN F 177 -12.64 -12.76 -11.76
N SER F 178 -11.46 -12.36 -12.25
CA SER F 178 -11.33 -11.14 -13.03
C SER F 178 -11.77 -9.96 -12.20
N GLY F 179 -11.49 -10.02 -10.91
CA GLY F 179 -11.84 -8.90 -10.04
C GLY F 179 -13.27 -8.82 -9.57
N LEU F 180 -14.09 -9.82 -9.89
CA LEU F 180 -15.49 -9.77 -9.46
C LEU F 180 -15.88 -11.05 -8.75
N TYR F 181 -16.76 -10.92 -7.76
CA TYR F 181 -17.25 -12.08 -7.01
C TYR F 181 -18.59 -12.56 -7.55
N THR F 182 -18.80 -13.86 -7.47
CA THR F 182 -20.04 -14.47 -7.88
C THR F 182 -20.38 -15.56 -6.87
N LEU F 183 -21.63 -15.66 -6.46
CA LEU F 183 -22.02 -16.72 -5.55
C LEU F 183 -23.40 -17.24 -5.90
N THR F 184 -23.70 -18.44 -5.42
CA THR F 184 -25.00 -19.03 -5.63
C THR F 184 -25.61 -19.32 -4.24
N SER F 185 -26.93 -19.27 -4.19
CA SER F 185 -27.70 -19.61 -2.98
C SER F 185 -28.89 -20.43 -3.49
N SER F 186 -29.22 -21.50 -2.78
CA SER F 186 -30.33 -22.35 -3.17
C SER F 186 -31.24 -22.62 -1.97
N VAL F 187 -32.47 -22.98 -2.27
CA VAL F 187 -33.41 -23.33 -1.20
C VAL F 187 -34.19 -24.52 -1.73
N THR F 188 -34.57 -25.41 -0.84
CA THR F 188 -35.30 -26.59 -1.23
C THR F 188 -36.64 -26.61 -0.54
N VAL F 189 -37.69 -26.78 -1.34
CA VAL F 189 -39.03 -26.80 -0.77
C VAL F 189 -39.79 -27.97 -1.38
N PRO F 190 -40.95 -28.33 -0.82
CA PRO F 190 -41.74 -29.45 -1.36
C PRO F 190 -42.22 -29.09 -2.76
N SER F 191 -42.08 -30.01 -3.71
CA SER F 191 -42.48 -29.79 -5.10
C SER F 191 -43.92 -29.35 -5.29
N SER F 192 -44.80 -29.83 -4.43
CA SER F 192 -46.21 -29.48 -4.53
C SER F 192 -46.50 -28.04 -4.14
N THR F 193 -45.53 -27.32 -3.58
CA THR F 193 -45.78 -25.93 -3.16
C THR F 193 -45.28 -24.84 -4.10
N TRP F 194 -44.58 -25.23 -5.17
CA TRP F 194 -44.08 -24.25 -6.11
C TRP F 194 -44.56 -24.69 -7.49
N PRO F 195 -45.00 -23.74 -8.34
CA PRO F 195 -45.04 -22.29 -8.12
C PRO F 195 -46.22 -21.67 -7.35
N SER F 196 -47.18 -22.48 -6.90
CA SER F 196 -48.34 -21.92 -6.18
C SER F 196 -47.88 -21.02 -5.04
N GLN F 197 -46.89 -21.47 -4.27
CA GLN F 197 -46.38 -20.63 -3.18
C GLN F 197 -45.07 -20.01 -3.66
N THR F 198 -44.98 -18.69 -3.57
CA THR F 198 -43.80 -17.99 -4.09
C THR F 198 -42.48 -18.26 -3.33
N VAL F 199 -41.39 -18.09 -4.08
CA VAL F 199 -40.02 -18.27 -3.63
C VAL F 199 -39.22 -17.14 -4.29
N THR F 200 -38.67 -16.30 -3.44
CA THR F 200 -37.93 -15.11 -3.85
C THR F 200 -36.67 -14.93 -3.02
N CYS F 201 -35.54 -14.68 -3.67
CA CYS F 201 -34.31 -14.43 -2.91
C CYS F 201 -34.21 -12.92 -2.74
N ASN F 202 -33.66 -12.50 -1.61
CA ASN F 202 -33.50 -11.07 -1.34
C ASN F 202 -32.02 -10.89 -1.22
N VAL F 203 -31.46 -10.09 -2.10
CA VAL F 203 -30.02 -9.89 -2.12
C VAL F 203 -29.65 -8.47 -1.79
N ALA F 204 -28.81 -8.32 -0.77
CA ALA F 204 -28.36 -6.99 -0.37
C ALA F 204 -26.84 -6.89 -0.55
N HIS F 205 -26.36 -5.79 -1.16
CA HIS F 205 -24.94 -5.52 -1.33
C HIS F 205 -24.73 -4.10 -0.79
N PRO F 206 -24.46 -4.01 0.52
CA PRO F 206 -24.25 -2.73 1.20
C PRO F 206 -23.32 -1.76 0.47
N ALA F 207 -22.17 -2.25 0.02
CA ALA F 207 -21.18 -1.39 -0.63
C ALA F 207 -21.69 -0.64 -1.86
N SER F 208 -22.60 -1.23 -2.62
CA SER F 208 -23.14 -0.53 -3.78
C SER F 208 -24.55 -0.05 -3.49
N SER F 209 -24.93 -0.06 -2.21
CA SER F 209 -26.28 0.34 -1.81
C SER F 209 -27.34 -0.39 -2.65
N THR F 210 -27.19 -1.70 -2.79
CA THR F 210 -28.12 -2.52 -3.57
C THR F 210 -28.95 -3.48 -2.72
N LYS F 211 -30.25 -3.52 -2.97
CA LYS F 211 -31.19 -4.42 -2.29
C LYS F 211 -32.11 -4.86 -3.42
N VAL F 212 -31.97 -6.10 -3.84
CA VAL F 212 -32.76 -6.62 -4.97
C VAL F 212 -33.53 -7.87 -4.61
N ASP F 213 -34.72 -8.02 -5.20
CA ASP F 213 -35.52 -9.21 -4.99
C ASP F 213 -35.62 -9.95 -6.32
N LYS F 214 -35.50 -11.26 -6.29
CA LYS F 214 -35.69 -11.95 -7.54
C LYS F 214 -36.63 -13.13 -7.30
N LYS F 215 -37.85 -13.03 -7.84
CA LYS F 215 -38.85 -14.09 -7.71
C LYS F 215 -38.52 -15.19 -8.69
N ILE F 216 -38.52 -16.43 -8.23
CA ILE F 216 -38.20 -17.56 -9.07
C ILE F 216 -39.48 -18.12 -9.66
N VAL F 217 -39.60 -18.07 -10.99
CA VAL F 217 -40.80 -18.59 -11.65
C VAL F 217 -40.43 -19.70 -12.61
N PRO F 218 -41.38 -20.56 -12.93
CA PRO F 218 -41.08 -21.65 -13.86
C PRO F 218 -40.63 -21.20 -15.24
N ARG F 219 -39.72 -21.98 -15.82
CA ARG F 219 -39.24 -21.76 -17.19
C ARG F 219 -40.31 -22.32 -18.15
#